data_4ZN0
#
_entry.id   4ZN0
#
_cell.length_a   117.144
_cell.length_b   182.500
_cell.length_c   152.046
_cell.angle_alpha   90.00
_cell.angle_beta   90.00
_cell.angle_gamma   90.00
#
_symmetry.space_group_name_H-M   'C 2 2 21'
#
loop_
_entity.id
_entity.type
_entity.pdbx_description
1 polymer 'Thioredoxin reductase'
2 water water
#
_entity_poly.entity_id   1
_entity_poly.type   'polypeptide(L)'
_entity_poly.pdbx_seq_one_letter_code
;GSHMASMYDLIIIGGGPAGLTAGIYAVRYGLDTLILERNEISGQISMADIVENYPGFPSISGLELMERFRTHAQEVGVKT
TITEVLSVRSEGTKKIITTDSGDLEAKAVIIATGANPKHLGVPGEKELISKGVSYCAICDGPFFRNKIVAVVGGGNSAVT
DALFLSKVAQKVYLVHRRDHLKAARVLQDRVDGTPNIELILNSHVLEIVGTREGIKKVEKIILEDVNSRETRELSTNGVF
IYVGIHPNTEFVDVEKDEGGFIKTDRWMETSEKGIYAAGDCRDTPIWQLVTAVRDGAIAATAAYEYIEKIR
;
_entity_poly.pdbx_strand_id   A,B,C,D
#
# COMPACT_ATOMS: atom_id res chain seq x y z
N ALA A 5 12.59 -23.90 -22.71
CA ALA A 5 12.69 -25.18 -22.01
C ALA A 5 11.51 -25.38 -21.07
N SER A 6 10.77 -24.32 -20.82
CA SER A 6 9.61 -24.35 -19.93
C SER A 6 10.04 -24.27 -18.47
N MET A 7 11.34 -24.11 -18.25
CA MET A 7 11.89 -24.01 -16.90
C MET A 7 12.88 -22.87 -16.91
N TYR A 8 12.77 -21.98 -15.95
CA TYR A 8 13.66 -20.82 -15.87
C TYR A 8 14.05 -20.56 -14.42
N ASP A 9 15.07 -19.73 -14.21
CA ASP A 9 15.46 -19.33 -12.86
C ASP A 9 14.54 -18.23 -12.37
N LEU A 10 14.29 -17.26 -13.25
CA LEU A 10 13.53 -16.07 -12.92
C LEU A 10 12.67 -15.66 -14.11
N ILE A 11 11.40 -15.32 -13.84
CA ILE A 11 10.53 -14.79 -14.88
C ILE A 11 10.01 -13.42 -14.45
N ILE A 12 10.25 -12.43 -15.30
CA ILE A 12 9.82 -11.06 -15.04
C ILE A 12 8.62 -10.74 -15.91
N ILE A 13 7.50 -10.38 -15.29
CA ILE A 13 6.28 -10.05 -16.02
C ILE A 13 6.15 -8.53 -16.16
N GLY A 14 6.43 -8.03 -17.36
CA GLY A 14 6.37 -6.60 -17.65
C GLY A 14 7.71 -6.08 -18.15
N GLY A 15 7.68 -5.41 -19.30
CA GLY A 15 8.89 -4.93 -19.95
C GLY A 15 9.11 -3.43 -19.78
N GLY A 16 8.66 -2.89 -18.66
CA GLY A 16 8.89 -1.48 -18.36
C GLY A 16 10.27 -1.28 -17.77
N PRO A 17 10.54 -0.06 -17.25
CA PRO A 17 11.84 0.24 -16.64
C PRO A 17 12.18 -0.71 -15.49
N ALA A 18 11.19 -0.99 -14.65
CA ALA A 18 11.38 -1.88 -13.51
C ALA A 18 11.76 -3.29 -13.96
N GLY A 19 10.97 -3.84 -14.87
CA GLY A 19 11.17 -5.19 -15.34
C GLY A 19 12.48 -5.35 -16.10
N LEU A 20 12.77 -4.39 -16.97
CA LEU A 20 14.01 -4.44 -17.76
C LEU A 20 15.22 -4.32 -16.86
N THR A 21 15.13 -3.46 -15.85
CA THR A 21 16.22 -3.30 -14.88
C THR A 21 16.43 -4.60 -14.11
N ALA A 22 15.33 -5.21 -13.68
CA ALA A 22 15.39 -6.48 -12.95
C ALA A 22 16.06 -7.55 -13.81
N GLY A 23 15.74 -7.54 -15.09
CA GLY A 23 16.30 -8.51 -16.01
C GLY A 23 17.80 -8.33 -16.19
N ILE A 24 18.22 -7.08 -16.35
CA ILE A 24 19.64 -6.77 -16.52
C ILE A 24 20.45 -7.20 -15.31
N TYR A 25 19.97 -6.84 -14.13
CA TYR A 25 20.63 -7.23 -12.88
C TYR A 25 20.67 -8.75 -12.74
N ALA A 26 19.55 -9.39 -13.01
CA ALA A 26 19.43 -10.83 -12.86
C ALA A 26 20.41 -11.58 -13.77
N VAL A 27 20.61 -11.08 -14.98
CA VAL A 27 21.57 -11.69 -15.91
C VAL A 27 22.98 -11.50 -15.38
N ARG A 28 23.26 -10.34 -14.80
CA ARG A 28 24.57 -10.05 -14.22
C ARG A 28 24.80 -10.94 -13.00
N TYR A 29 23.72 -11.35 -12.36
CA TYR A 29 23.78 -12.31 -11.27
C TYR A 29 23.95 -13.73 -11.81
N GLY A 30 23.80 -13.88 -13.12
CA GLY A 30 24.02 -15.15 -13.80
C GLY A 30 22.85 -16.10 -13.74
N LEU A 31 21.64 -15.57 -13.70
CA LEU A 31 20.43 -16.38 -13.69
C LEU A 31 19.84 -16.50 -15.09
N ASP A 32 19.16 -17.62 -15.35
CA ASP A 32 18.45 -17.81 -16.61
C ASP A 32 17.09 -17.14 -16.53
N THR A 33 16.97 -15.97 -17.15
CA THR A 33 15.80 -15.12 -16.96
C THR A 33 15.04 -14.83 -18.25
N LEU A 34 13.73 -14.68 -18.12
CA LEU A 34 12.85 -14.37 -19.24
C LEU A 34 11.85 -13.27 -18.89
N ILE A 35 11.69 -12.31 -19.79
CA ILE A 35 10.70 -11.25 -19.63
C ILE A 35 9.46 -11.50 -20.50
N LEU A 36 8.28 -11.35 -19.89
CA LEU A 36 7.00 -11.44 -20.59
C LEU A 36 6.40 -10.06 -20.81
N GLU A 37 6.34 -9.64 -22.07
CA GLU A 37 5.86 -8.31 -22.46
C GLU A 37 4.52 -8.40 -23.20
N ARG A 38 3.75 -7.31 -23.12
CA ARG A 38 2.45 -7.24 -23.79
C ARG A 38 2.61 -6.87 -25.26
N ASN A 39 3.06 -5.64 -25.52
CA ASN A 39 3.28 -5.15 -26.87
C ASN A 39 3.84 -3.74 -26.85
N SER A 59 11.45 11.62 -16.92
CA SER A 59 11.30 11.05 -18.26
C SER A 59 10.14 11.69 -19.01
N ILE A 60 9.41 12.57 -18.33
CA ILE A 60 8.29 13.28 -18.95
C ILE A 60 8.80 14.50 -19.72
N SER A 61 10.06 14.86 -19.50
CA SER A 61 10.66 16.00 -20.18
C SER A 61 10.72 15.79 -21.70
N GLY A 62 10.47 14.56 -22.13
CA GLY A 62 10.42 14.23 -23.54
C GLY A 62 11.74 13.68 -24.03
N LEU A 63 11.93 12.38 -23.87
CA LEU A 63 13.18 11.73 -24.24
C LEU A 63 12.96 10.28 -24.68
N GLU A 64 13.95 9.75 -25.38
CA GLU A 64 13.93 8.35 -25.80
C GLU A 64 14.83 7.52 -24.89
N LEU A 65 14.34 7.25 -23.69
CA LEU A 65 15.08 6.49 -22.71
C LEU A 65 14.56 5.07 -22.53
N MET A 66 13.34 4.84 -23.02
CA MET A 66 12.72 3.52 -22.92
C MET A 66 13.38 2.52 -23.86
N GLU A 67 13.64 2.96 -25.09
CA GLU A 67 14.30 2.10 -26.07
C GLU A 67 15.71 1.74 -25.64
N ARG A 68 16.38 2.66 -24.97
CA ARG A 68 17.74 2.42 -24.50
C ARG A 68 17.76 1.21 -23.57
N PHE A 69 16.76 1.14 -22.70
CA PHE A 69 16.66 0.03 -21.76
C PHE A 69 16.55 -1.28 -22.52
N ARG A 70 15.79 -1.27 -23.61
CA ARG A 70 15.60 -2.46 -24.41
C ARG A 70 16.90 -2.88 -25.10
N THR A 71 17.56 -1.92 -25.74
CA THR A 71 18.81 -2.20 -26.44
C THR A 71 19.86 -2.64 -25.42
N HIS A 72 19.99 -1.88 -24.35
CA HIS A 72 20.96 -2.19 -23.31
C HIS A 72 20.69 -3.60 -22.83
N ALA A 73 19.40 -3.88 -22.70
CA ALA A 73 18.93 -5.17 -22.27
C ALA A 73 19.37 -6.26 -23.23
N GLN A 74 19.05 -6.09 -24.51
CA GLN A 74 19.42 -7.08 -25.52
C GLN A 74 20.91 -7.37 -25.46
N GLU A 75 21.72 -6.31 -25.40
CA GLU A 75 23.16 -6.46 -25.34
C GLU A 75 23.53 -7.26 -24.10
N VAL A 76 22.94 -6.91 -22.96
CA VAL A 76 23.21 -7.61 -21.72
C VAL A 76 22.98 -9.10 -21.92
N GLY A 77 21.84 -9.44 -22.54
CA GLY A 77 21.52 -10.83 -22.80
C GLY A 77 20.22 -11.31 -22.18
N VAL A 78 19.29 -10.39 -21.95
CA VAL A 78 18.00 -10.78 -21.37
C VAL A 78 17.03 -11.29 -22.42
N LYS A 79 16.24 -12.29 -22.05
CA LYS A 79 15.24 -12.89 -22.92
C LYS A 79 13.88 -12.23 -22.81
N THR A 80 13.30 -11.90 -23.96
CA THR A 80 11.99 -11.27 -24.01
C THR A 80 11.07 -12.03 -24.95
N THR A 81 9.85 -12.25 -24.49
CA THR A 81 8.86 -12.95 -25.28
C THR A 81 7.57 -12.14 -25.21
N ILE A 82 6.78 -12.17 -26.27
CA ILE A 82 5.53 -11.44 -26.25
C ILE A 82 4.45 -12.43 -25.92
N THR A 83 3.76 -12.19 -24.80
CA THR A 83 2.71 -13.07 -24.35
C THR A 83 1.81 -12.39 -23.33
N GLU A 84 0.73 -13.07 -22.98
CA GLU A 84 -0.23 -12.57 -22.00
C GLU A 84 -0.34 -13.57 -20.86
N VAL A 85 -0.12 -13.09 -19.64
CA VAL A 85 -0.20 -13.94 -18.45
C VAL A 85 -1.61 -13.94 -17.88
N LEU A 86 -2.12 -15.12 -17.56
CA LEU A 86 -3.47 -15.27 -17.06
C LEU A 86 -3.49 -15.50 -15.55
N SER A 87 -2.48 -16.19 -15.04
CA SER A 87 -2.39 -16.44 -13.60
C SER A 87 -1.02 -16.96 -13.19
N VAL A 88 -0.79 -16.97 -11.88
CA VAL A 88 0.46 -17.46 -11.30
C VAL A 88 0.18 -18.18 -9.99
N ARG A 89 0.54 -19.46 -9.93
CA ARG A 89 0.36 -20.27 -8.73
C ARG A 89 1.68 -20.89 -8.30
N SER A 90 1.81 -21.18 -7.00
CA SER A 90 3.01 -21.81 -6.46
C SER A 90 2.76 -23.28 -6.15
N GLU A 91 3.72 -24.13 -6.49
CA GLU A 91 3.62 -25.57 -6.23
C GLU A 91 4.93 -26.14 -5.71
N GLY A 92 5.20 -25.93 -4.43
CA GLY A 92 6.44 -26.40 -3.83
C GLY A 92 7.65 -25.63 -4.34
N THR A 93 7.69 -24.33 -4.03
CA THR A 93 8.78 -23.45 -4.46
C THR A 93 8.89 -23.28 -5.97
N LYS A 94 8.04 -23.97 -6.72
CA LYS A 94 8.07 -23.88 -8.17
C LYS A 94 6.93 -22.95 -8.54
N LYS A 95 7.18 -22.09 -9.51
CA LYS A 95 6.19 -21.11 -9.91
C LYS A 95 5.68 -21.42 -11.30
N ILE A 96 4.37 -21.57 -11.41
CA ILE A 96 3.75 -21.88 -12.68
C ILE A 96 3.06 -20.63 -13.24
N ILE A 97 3.59 -20.13 -14.36
CA ILE A 97 2.98 -19.01 -15.05
C ILE A 97 2.20 -19.55 -16.25
N THR A 98 0.88 -19.39 -16.21
CA THR A 98 0.01 -19.87 -17.28
C THR A 98 -0.29 -18.72 -18.22
N THR A 99 0.07 -18.89 -19.48
CA THR A 99 -0.19 -17.88 -20.51
C THR A 99 -1.09 -18.46 -21.59
N ASP A 100 -1.57 -17.60 -22.48
CA ASP A 100 -2.39 -18.04 -23.59
C ASP A 100 -1.59 -18.95 -24.52
N SER A 101 -0.27 -18.85 -24.44
CA SER A 101 0.63 -19.62 -25.29
C SER A 101 1.00 -20.95 -24.65
N GLY A 102 0.83 -21.05 -23.33
CA GLY A 102 1.15 -22.26 -22.59
C GLY A 102 1.80 -21.97 -21.24
N ASP A 103 1.91 -23.01 -20.41
CA ASP A 103 2.47 -22.87 -19.08
C ASP A 103 3.99 -22.65 -19.08
N LEU A 104 4.45 -21.83 -18.14
CA LEU A 104 5.87 -21.60 -17.93
C LEU A 104 6.24 -21.92 -16.48
N GLU A 105 7.48 -22.35 -16.27
CA GLU A 105 7.97 -22.73 -14.94
C GLU A 105 9.14 -21.83 -14.53
N ALA A 106 9.18 -21.49 -13.24
CA ALA A 106 10.26 -20.66 -12.72
C ALA A 106 10.46 -20.84 -11.23
N LYS A 107 11.67 -20.55 -10.76
CA LYS A 107 12.00 -20.62 -9.34
C LYS A 107 11.51 -19.37 -8.62
N ALA A 108 11.53 -18.24 -9.33
CA ALA A 108 11.09 -16.97 -8.78
C ALA A 108 10.38 -16.13 -9.84
N VAL A 109 9.51 -15.22 -9.39
CA VAL A 109 8.75 -14.35 -10.28
C VAL A 109 8.78 -12.90 -9.80
N ILE A 110 8.88 -11.97 -10.75
CA ILE A 110 8.80 -10.54 -10.45
C ILE A 110 7.65 -9.90 -11.22
N ILE A 111 6.73 -9.28 -10.48
CA ILE A 111 5.62 -8.54 -11.08
C ILE A 111 6.02 -7.09 -11.34
N ALA A 112 6.13 -6.73 -12.61
CA ALA A 112 6.48 -5.37 -12.99
C ALA A 112 5.56 -4.86 -14.10
N THR A 113 4.25 -5.00 -13.87
CA THR A 113 3.25 -4.70 -14.89
C THR A 113 2.76 -3.25 -14.87
N GLY A 114 3.25 -2.46 -13.92
CA GLY A 114 2.95 -1.05 -13.85
C GLY A 114 1.50 -0.69 -13.59
N ALA A 115 1.12 0.53 -13.91
CA ALA A 115 -0.25 1.02 -13.73
C ALA A 115 -0.62 2.06 -14.76
N ASN A 116 -1.92 2.31 -14.91
CA ASN A 116 -2.41 3.32 -15.85
C ASN A 116 -3.49 4.17 -15.22
N PRO A 117 -3.59 5.43 -15.62
CA PRO A 117 -4.65 6.29 -15.09
C PRO A 117 -6.03 5.83 -15.52
N LYS A 118 -7.00 5.86 -14.60
CA LYS A 118 -8.38 5.55 -14.95
C LYS A 118 -8.95 6.58 -15.92
N HIS A 119 -9.77 6.08 -16.85
CA HIS A 119 -10.37 6.93 -17.86
C HIS A 119 -11.75 7.39 -17.42
N LEU A 120 -12.21 8.50 -17.99
CA LEU A 120 -13.53 9.02 -17.72
C LEU A 120 -14.61 8.14 -18.35
N GLY A 121 -14.30 7.62 -19.53
CA GLY A 121 -15.24 6.76 -20.24
C GLY A 121 -16.34 7.55 -20.93
N VAL A 122 -15.97 8.68 -21.52
CA VAL A 122 -16.93 9.53 -22.23
C VAL A 122 -16.50 9.72 -23.69
N PRO A 123 -17.46 10.00 -24.58
CA PRO A 123 -17.15 10.22 -26.00
C PRO A 123 -16.10 11.31 -26.23
N GLY A 124 -15.11 11.01 -27.06
CA GLY A 124 -14.11 12.00 -27.44
C GLY A 124 -12.85 11.92 -26.61
N GLU A 125 -12.93 11.25 -25.47
CA GLU A 125 -11.79 11.10 -24.58
C GLU A 125 -10.66 10.38 -25.29
N LYS A 126 -10.92 9.15 -25.73
CA LYS A 126 -9.90 8.33 -26.37
C LYS A 126 -9.40 8.93 -27.68
N GLU A 127 -10.27 9.68 -28.37
CA GLU A 127 -9.94 10.19 -29.69
C GLU A 127 -9.04 11.40 -29.63
N LEU A 128 -9.13 12.15 -28.53
CA LEU A 128 -8.41 13.41 -28.40
C LEU A 128 -7.23 13.35 -27.41
N ILE A 129 -6.84 12.16 -27.01
CA ILE A 129 -5.64 12.00 -26.19
C ILE A 129 -4.45 12.46 -27.02
N SER A 130 -3.55 13.20 -26.39
CA SER A 130 -2.39 13.82 -27.04
C SER A 130 -2.81 14.92 -28.02
N LYS A 131 -4.10 15.25 -28.01
CA LYS A 131 -4.63 16.33 -28.84
C LYS A 131 -5.52 17.24 -27.98
N GLY A 132 -5.17 17.34 -26.70
CA GLY A 132 -5.88 18.20 -25.77
C GLY A 132 -6.28 17.49 -24.49
N VAL A 133 -6.48 16.18 -24.58
CA VAL A 133 -6.80 15.37 -23.41
C VAL A 133 -5.50 14.77 -22.84
N SER A 134 -5.34 14.88 -21.53
CA SER A 134 -4.10 14.47 -20.86
C SER A 134 -4.38 13.97 -19.45
N TYR A 135 -3.39 13.29 -18.87
CA TYR A 135 -3.50 12.80 -17.49
C TYR A 135 -2.30 13.28 -16.66
N CYS A 136 -1.48 14.14 -17.25
CA CYS A 136 -0.37 14.76 -16.53
C CYS A 136 -0.30 16.24 -16.86
N ALA A 137 -0.68 17.08 -15.92
CA ALA A 137 -0.72 18.52 -16.12
C ALA A 137 0.70 19.11 -16.08
N ILE A 138 1.57 18.49 -15.30
CA ILE A 138 2.92 18.99 -15.14
C ILE A 138 3.72 18.74 -16.41
N CYS A 139 3.41 17.64 -17.09
CA CYS A 139 4.11 17.31 -18.34
C CYS A 139 3.74 18.30 -19.45
N ASP A 140 2.51 18.78 -19.43
CA ASP A 140 1.97 19.59 -20.53
C ASP A 140 1.79 21.07 -20.18
N GLY A 141 2.45 21.52 -19.13
CA GLY A 141 2.32 22.90 -18.66
C GLY A 141 2.52 23.95 -19.74
N PRO A 142 3.71 24.00 -20.33
CA PRO A 142 4.08 25.02 -21.33
C PRO A 142 3.14 25.08 -22.55
N PHE A 143 2.52 23.96 -22.91
CA PHE A 143 1.68 23.96 -24.09
C PHE A 143 0.39 24.77 -23.87
N PHE A 144 -0.07 24.83 -22.62
CA PHE A 144 -1.33 25.48 -22.31
C PHE A 144 -1.15 26.82 -21.63
N ARG A 145 0.00 27.44 -21.86
CA ARG A 145 0.26 28.79 -21.40
C ARG A 145 -0.62 29.77 -22.20
N ASN A 146 -1.32 30.64 -21.48
CA ASN A 146 -2.25 31.61 -22.06
C ASN A 146 -3.41 30.93 -22.78
N LYS A 147 -3.72 29.70 -22.40
CA LYS A 147 -4.86 28.97 -22.95
C LYS A 147 -5.88 28.65 -21.87
N ILE A 148 -7.04 28.14 -22.30
CA ILE A 148 -8.09 27.73 -21.38
C ILE A 148 -7.99 26.23 -21.14
N VAL A 149 -8.27 25.82 -19.90
CA VAL A 149 -8.01 24.44 -19.50
C VAL A 149 -9.06 23.95 -18.51
N ALA A 150 -9.34 22.65 -18.56
CA ALA A 150 -10.29 22.03 -17.63
C ALA A 150 -9.62 20.87 -16.90
N VAL A 151 -9.87 20.78 -15.59
CA VAL A 151 -9.35 19.69 -14.78
C VAL A 151 -10.52 18.93 -14.16
N VAL A 152 -10.54 17.61 -14.37
CA VAL A 152 -11.61 16.75 -13.86
C VAL A 152 -11.10 15.89 -12.71
N GLY A 153 -11.71 16.04 -11.54
CA GLY A 153 -11.28 15.35 -10.35
C GLY A 153 -11.51 16.19 -9.11
N GLY A 154 -11.27 15.62 -7.93
CA GLY A 154 -11.52 16.31 -6.68
C GLY A 154 -10.52 16.04 -5.58
N GLY A 155 -9.51 15.21 -5.88
CA GLY A 155 -8.50 14.85 -4.90
C GLY A 155 -7.33 15.81 -4.89
N ASN A 156 -6.35 15.53 -4.04
CA ASN A 156 -5.16 16.38 -3.93
C ASN A 156 -4.42 16.55 -5.25
N SER A 157 -4.44 15.51 -6.07
CA SER A 157 -3.73 15.55 -7.35
C SER A 157 -4.42 16.52 -8.33
N ALA A 158 -5.74 16.39 -8.45
CA ALA A 158 -6.51 17.22 -9.36
C ALA A 158 -6.43 18.69 -8.96
N VAL A 159 -6.54 18.96 -7.66
CA VAL A 159 -6.55 20.32 -7.16
C VAL A 159 -5.15 20.94 -7.24
N THR A 160 -4.14 20.15 -6.92
CA THR A 160 -2.77 20.62 -6.97
C THR A 160 -2.39 21.00 -8.39
N ASP A 161 -2.83 20.20 -9.35
CA ASP A 161 -2.48 20.42 -10.74
C ASP A 161 -3.35 21.51 -11.37
N ALA A 162 -4.53 21.73 -10.79
CA ALA A 162 -5.37 22.86 -11.20
C ALA A 162 -4.70 24.16 -10.77
N LEU A 163 -4.13 24.16 -9.57
CA LEU A 163 -3.38 25.29 -9.06
C LEU A 163 -2.11 25.50 -9.86
N PHE A 164 -1.47 24.39 -10.23
CA PHE A 164 -0.29 24.42 -11.07
C PHE A 164 -0.59 25.08 -12.41
N LEU A 165 -1.65 24.62 -13.08
CA LEU A 165 -2.01 25.13 -14.39
C LEU A 165 -2.48 26.60 -14.34
N SER A 166 -3.02 27.02 -13.21
CA SER A 166 -3.49 28.39 -13.07
C SER A 166 -2.33 29.38 -13.13
N LYS A 167 -1.11 28.88 -12.88
CA LYS A 167 0.08 29.72 -12.90
C LYS A 167 0.50 30.12 -14.32
N VAL A 168 0.00 29.40 -15.32
CA VAL A 168 0.39 29.63 -16.71
C VAL A 168 -0.81 29.77 -17.64
N ALA A 169 -1.91 29.11 -17.30
CA ALA A 169 -3.10 29.14 -18.16
C ALA A 169 -3.89 30.43 -17.95
N GLN A 170 -4.66 30.79 -18.97
CA GLN A 170 -5.53 31.95 -18.91
C GLN A 170 -6.64 31.70 -17.90
N LYS A 171 -7.28 30.55 -18.05
CA LYS A 171 -8.38 30.14 -17.19
C LYS A 171 -8.38 28.63 -16.95
N VAL A 172 -8.79 28.23 -15.75
CA VAL A 172 -8.84 26.82 -15.37
C VAL A 172 -10.20 26.47 -14.81
N TYR A 173 -10.85 25.48 -15.42
CA TYR A 173 -12.08 24.92 -14.85
C TYR A 173 -11.72 23.69 -14.03
N LEU A 174 -12.06 23.72 -12.74
CA LEU A 174 -11.88 22.58 -11.87
C LEU A 174 -13.23 21.90 -11.68
N VAL A 175 -13.40 20.75 -12.32
CA VAL A 175 -14.67 20.04 -12.37
C VAL A 175 -14.69 18.78 -11.50
N HIS A 176 -15.69 18.68 -10.63
CA HIS A 176 -15.84 17.52 -9.76
C HIS A 176 -17.31 17.13 -9.66
N ARG A 177 -17.55 15.82 -9.60
CA ARG A 177 -18.91 15.27 -9.64
C ARG A 177 -19.62 15.26 -8.28
N ARG A 178 -18.88 15.47 -7.21
CA ARG A 178 -19.47 15.47 -5.86
C ARG A 178 -19.82 16.90 -5.41
N ASP A 179 -20.46 17.01 -4.26
CA ASP A 179 -20.93 18.30 -3.75
C ASP A 179 -19.82 19.08 -3.03
N HIS A 180 -18.70 18.42 -2.77
CA HIS A 180 -17.56 19.08 -2.15
C HIS A 180 -16.26 18.46 -2.68
N LEU A 181 -15.15 19.17 -2.49
CA LEU A 181 -13.84 18.64 -2.86
C LEU A 181 -13.29 17.76 -1.75
N LYS A 182 -12.57 16.70 -2.14
CA LYS A 182 -11.99 15.77 -1.19
C LYS A 182 -10.56 16.15 -0.82
N ALA A 183 -10.02 17.16 -1.50
CA ALA A 183 -8.65 17.59 -1.28
C ALA A 183 -8.45 18.25 0.07
N ALA A 184 -7.19 18.40 0.46
CA ALA A 184 -6.83 19.03 1.72
C ALA A 184 -7.31 20.48 1.76
N ARG A 185 -7.66 20.96 2.95
CA ARG A 185 -8.19 22.30 3.13
C ARG A 185 -7.25 23.39 2.60
N VAL A 186 -5.95 23.22 2.82
CA VAL A 186 -4.97 24.21 2.40
C VAL A 186 -5.03 24.39 0.88
N LEU A 187 -5.26 23.30 0.16
CA LEU A 187 -5.35 23.37 -1.29
C LEU A 187 -6.66 24.00 -1.72
N GLN A 188 -7.74 23.66 -1.02
CA GLN A 188 -9.05 24.23 -1.32
C GLN A 188 -9.10 25.74 -1.10
N ASP A 189 -8.44 26.21 -0.04
CA ASP A 189 -8.41 27.63 0.27
C ASP A 189 -7.70 28.40 -0.82
N ARG A 190 -6.65 27.82 -1.36
CA ARG A 190 -5.88 28.43 -2.43
C ARG A 190 -6.76 28.53 -3.68
N VAL A 191 -7.49 27.47 -3.98
CA VAL A 191 -8.35 27.46 -5.14
C VAL A 191 -9.37 28.58 -5.04
N ASP A 192 -9.54 29.12 -3.84
CA ASP A 192 -10.52 30.17 -3.63
C ASP A 192 -10.07 31.57 -4.00
N GLY A 193 -9.03 31.70 -4.80
CA GLY A 193 -8.59 33.04 -5.21
C GLY A 193 -7.12 33.36 -5.21
N THR A 194 -6.34 33.09 -6.27
CA THR A 194 -6.72 32.43 -7.54
C THR A 194 -8.03 32.83 -8.23
N PRO A 195 -8.07 34.00 -8.86
CA PRO A 195 -9.30 34.40 -9.55
C PRO A 195 -9.59 33.62 -10.84
N ASN A 196 -8.55 33.10 -11.49
CA ASN A 196 -8.72 32.44 -12.79
C ASN A 196 -9.05 30.95 -12.72
N ILE A 197 -9.32 30.43 -11.53
CA ILE A 197 -9.90 29.09 -11.40
C ILE A 197 -11.39 29.20 -11.09
N GLU A 198 -12.22 28.53 -11.89
CA GLU A 198 -13.63 28.38 -11.59
C GLU A 198 -13.90 26.98 -11.10
N LEU A 199 -14.40 26.87 -9.87
CA LEU A 199 -14.70 25.57 -9.28
C LEU A 199 -16.14 25.20 -9.61
N ILE A 200 -16.31 24.08 -10.31
CA ILE A 200 -17.63 23.61 -10.69
C ILE A 200 -17.91 22.25 -10.05
N LEU A 201 -18.78 22.25 -9.03
CA LEU A 201 -19.13 21.04 -8.30
C LEU A 201 -20.44 20.45 -8.80
N ASN A 202 -20.77 19.25 -8.34
CA ASN A 202 -21.99 18.56 -8.75
C ASN A 202 -22.10 18.51 -10.26
N SER A 203 -20.99 18.27 -10.92
CA SER A 203 -20.91 18.34 -12.37
C SER A 203 -20.27 17.10 -12.96
N HIS A 204 -20.89 16.60 -14.02
CA HIS A 204 -20.48 15.38 -14.67
C HIS A 204 -20.21 15.62 -16.14
N VAL A 205 -19.12 15.04 -16.64
CA VAL A 205 -18.72 15.26 -18.02
C VAL A 205 -19.52 14.34 -18.94
N LEU A 206 -20.13 14.93 -19.96
CA LEU A 206 -20.92 14.18 -20.92
C LEU A 206 -20.11 13.85 -22.17
N GLU A 207 -19.26 14.77 -22.58
CA GLU A 207 -18.47 14.58 -23.79
C GLU A 207 -17.34 15.59 -23.95
N ILE A 208 -16.26 15.15 -24.58
CA ILE A 208 -15.18 16.02 -25.01
C ILE A 208 -15.23 16.12 -26.53
N VAL A 209 -15.42 17.33 -27.05
CA VAL A 209 -15.61 17.53 -28.48
C VAL A 209 -14.38 18.21 -29.07
N GLY A 210 -13.96 17.76 -30.25
CA GLY A 210 -12.79 18.32 -30.90
C GLY A 210 -13.16 19.21 -32.06
N THR A 211 -12.17 19.90 -32.60
CA THR A 211 -12.40 20.83 -33.70
C THR A 211 -12.86 20.15 -34.97
N ARG A 212 -13.78 20.80 -35.68
CA ARG A 212 -14.27 20.31 -36.95
C ARG A 212 -13.43 20.89 -38.09
N GLU A 213 -12.98 22.11 -37.87
CA GLU A 213 -12.11 22.84 -38.80
C GLU A 213 -10.70 23.01 -38.24
N GLY A 214 -9.68 22.88 -39.09
CA GLY A 214 -8.33 23.09 -38.62
C GLY A 214 -7.72 21.87 -37.98
N ILE A 215 -6.59 22.06 -37.31
CA ILE A 215 -5.90 20.96 -36.67
C ILE A 215 -6.81 20.33 -35.64
N LYS A 216 -6.81 19.00 -35.59
CA LYS A 216 -7.70 18.28 -34.69
C LYS A 216 -7.21 18.38 -33.25
N LYS A 217 -7.93 19.16 -32.46
CA LYS A 217 -7.62 19.35 -31.06
C LYS A 217 -8.91 19.54 -30.26
N VAL A 218 -8.81 19.48 -28.93
CA VAL A 218 -9.96 19.70 -28.08
C VAL A 218 -10.48 21.11 -28.29
N GLU A 219 -11.81 21.23 -28.35
CA GLU A 219 -12.47 22.50 -28.58
C GLU A 219 -13.43 22.83 -27.45
N LYS A 220 -14.12 21.81 -26.96
CA LYS A 220 -15.14 22.00 -25.92
C LYS A 220 -15.31 20.77 -25.03
N ILE A 221 -16.00 20.99 -23.91
CA ILE A 221 -16.43 19.92 -23.03
C ILE A 221 -17.89 20.19 -22.65
N ILE A 222 -18.70 19.14 -22.62
CA ILE A 222 -20.10 19.26 -22.22
C ILE A 222 -20.26 18.77 -20.78
N LEU A 223 -20.78 19.65 -19.93
CA LEU A 223 -21.02 19.30 -18.53
C LEU A 223 -22.50 19.11 -18.27
N GLU A 224 -22.82 18.38 -17.21
CA GLU A 224 -24.20 18.21 -16.77
C GLU A 224 -24.25 18.29 -15.25
N ASP A 225 -25.15 19.12 -14.74
CA ASP A 225 -25.36 19.20 -13.31
C ASP A 225 -26.03 17.92 -12.83
N VAL A 226 -25.44 17.28 -11.82
CA VAL A 226 -25.91 15.99 -11.34
C VAL A 226 -27.30 16.09 -10.69
N ASN A 227 -27.65 17.29 -10.23
CA ASN A 227 -28.90 17.47 -9.48
C ASN A 227 -30.04 17.97 -10.36
N SER A 228 -29.75 18.95 -11.21
CA SER A 228 -30.78 19.58 -12.04
C SER A 228 -30.78 19.05 -13.48
N ARG A 229 -29.78 18.26 -13.83
CA ARG A 229 -29.62 17.74 -15.18
C ARG A 229 -29.46 18.85 -16.20
N GLU A 230 -29.11 20.04 -15.75
CA GLU A 230 -28.83 21.16 -16.63
C GLU A 230 -27.48 20.98 -17.31
N THR A 231 -27.44 21.23 -18.61
CA THR A 231 -26.20 21.08 -19.38
C THR A 231 -25.52 22.43 -19.58
N ARG A 232 -24.21 22.39 -19.79
CA ARG A 232 -23.42 23.60 -19.98
C ARG A 232 -22.23 23.30 -20.88
N GLU A 233 -22.02 24.16 -21.88
CA GLU A 233 -20.88 24.04 -22.77
C GLU A 233 -19.74 24.93 -22.30
N LEU A 234 -18.54 24.38 -22.28
CA LEU A 234 -17.34 25.13 -21.94
C LEU A 234 -16.32 25.04 -23.06
N SER A 235 -15.92 26.20 -23.60
CA SER A 235 -14.80 26.23 -24.54
C SER A 235 -13.51 26.01 -23.79
N THR A 236 -12.75 25.00 -24.20
CA THR A 236 -11.50 24.68 -23.54
C THR A 236 -10.49 24.13 -24.54
N ASN A 237 -9.22 24.43 -24.30
CA ASN A 237 -8.14 23.94 -25.17
C ASN A 237 -7.60 22.59 -24.70
N GLY A 238 -7.87 22.25 -23.45
CA GLY A 238 -7.40 20.99 -22.90
C GLY A 238 -8.24 20.47 -21.75
N VAL A 239 -8.17 19.15 -21.54
CA VAL A 239 -8.87 18.49 -20.45
C VAL A 239 -7.90 17.56 -19.73
N PHE A 240 -7.69 17.81 -18.44
CA PHE A 240 -6.82 16.99 -17.62
C PHE A 240 -7.63 16.16 -16.64
N ILE A 241 -7.42 14.85 -16.67
CA ILE A 241 -8.26 13.90 -15.95
C ILE A 241 -7.53 13.25 -14.79
N TYR A 242 -8.17 13.28 -13.62
CA TYR A 242 -7.62 12.71 -12.40
C TYR A 242 -8.70 12.00 -11.60
N VAL A 243 -9.04 10.77 -12.00
CA VAL A 243 -10.08 10.00 -11.34
C VAL A 243 -9.58 8.63 -10.87
N GLY A 244 -8.30 8.57 -10.51
CA GLY A 244 -7.73 7.37 -9.92
C GLY A 244 -6.71 6.67 -10.81
N ILE A 245 -5.96 5.76 -10.20
CA ILE A 245 -4.95 4.98 -10.89
C ILE A 245 -5.28 3.50 -10.77
N HIS A 246 -5.08 2.75 -11.84
CA HIS A 246 -5.39 1.34 -11.87
C HIS A 246 -4.12 0.49 -12.02
N PRO A 247 -3.76 -0.26 -10.96
CA PRO A 247 -2.61 -1.16 -11.10
C PRO A 247 -2.99 -2.42 -11.88
N ASN A 248 -2.12 -2.86 -12.78
CA ASN A 248 -2.40 -4.04 -13.59
C ASN A 248 -2.05 -5.31 -12.84
N THR A 249 -2.89 -5.65 -11.85
CA THR A 249 -2.57 -6.74 -10.93
C THR A 249 -3.73 -7.71 -10.66
N GLU A 250 -4.71 -7.72 -11.55
CA GLU A 250 -5.86 -8.62 -11.38
C GLU A 250 -5.52 -10.08 -11.68
N PHE A 251 -4.40 -10.32 -12.36
CA PHE A 251 -4.06 -11.68 -12.78
C PHE A 251 -3.28 -12.43 -11.69
N VAL A 252 -2.88 -11.73 -10.63
CA VAL A 252 -2.18 -12.35 -9.51
C VAL A 252 -3.04 -12.36 -8.25
N ASP A 253 -2.86 -13.38 -7.42
CA ASP A 253 -3.69 -13.57 -6.23
C ASP A 253 -2.89 -13.38 -4.95
N VAL A 254 -1.80 -12.61 -5.04
CA VAL A 254 -1.04 -12.22 -3.86
C VAL A 254 -1.79 -11.12 -3.12
N GLU A 255 -1.33 -10.83 -1.91
CA GLU A 255 -1.92 -9.82 -1.03
C GLU A 255 -1.84 -8.41 -1.62
N LYS A 256 -2.96 -7.70 -1.61
CA LYS A 256 -3.03 -6.32 -2.11
C LYS A 256 -3.85 -5.43 -1.19
N ASP A 257 -3.73 -4.13 -1.37
CA ASP A 257 -4.66 -3.17 -0.78
C ASP A 257 -5.89 -2.94 -1.64
N GLU A 258 -6.78 -2.08 -1.16
CA GLU A 258 -8.08 -1.85 -1.78
C GLU A 258 -7.85 -1.26 -3.16
N GLY A 259 -6.66 -0.70 -3.35
CA GLY A 259 -6.21 -0.25 -4.65
C GLY A 259 -6.11 -1.39 -5.63
N GLY A 260 -5.68 -2.54 -5.14
CA GLY A 260 -5.14 -3.58 -6.01
C GLY A 260 -3.64 -3.49 -6.18
N PHE A 261 -3.03 -2.61 -5.40
CA PHE A 261 -1.58 -2.49 -5.36
C PHE A 261 -0.97 -3.62 -4.53
N ILE A 262 0.04 -4.27 -5.08
CA ILE A 262 0.66 -5.42 -4.43
C ILE A 262 1.48 -5.01 -3.21
N LYS A 263 1.16 -5.59 -2.07
CA LYS A 263 1.89 -5.30 -0.84
C LYS A 263 3.21 -6.05 -0.78
N THR A 264 4.26 -5.36 -0.34
CA THR A 264 5.60 -5.93 -0.27
C THR A 264 6.38 -5.44 0.95
N ASP A 265 7.50 -6.09 1.24
CA ASP A 265 8.43 -5.63 2.26
C ASP A 265 9.47 -4.71 1.64
N ARG A 266 10.51 -4.37 2.38
CA ARG A 266 11.55 -3.49 1.86
C ARG A 266 12.30 -4.12 0.70
N TRP A 267 12.27 -5.44 0.61
CA TRP A 267 13.01 -6.14 -0.44
C TRP A 267 12.10 -6.57 -1.59
N MET A 268 10.98 -5.88 -1.73
CA MET A 268 10.06 -6.06 -2.86
C MET A 268 9.39 -7.43 -2.89
N GLU A 269 9.51 -8.20 -1.82
CA GLU A 269 8.92 -9.53 -1.78
C GLU A 269 7.44 -9.47 -1.42
N THR A 270 6.61 -10.17 -2.19
CA THR A 270 5.17 -10.22 -1.94
C THR A 270 4.84 -11.15 -0.77
N SER A 271 3.56 -11.44 -0.60
CA SER A 271 3.11 -12.33 0.46
C SER A 271 3.42 -13.79 0.11
N GLU A 272 3.83 -14.01 -1.14
CA GLU A 272 4.23 -15.32 -1.63
C GLU A 272 5.73 -15.39 -1.75
N LYS A 273 6.36 -16.15 -0.85
CA LYS A 273 7.80 -16.33 -0.89
C LYS A 273 8.22 -16.74 -2.29
N GLY A 274 9.18 -16.03 -2.86
CA GLY A 274 9.65 -16.33 -4.20
C GLY A 274 9.03 -15.43 -5.26
N ILE A 275 7.97 -14.72 -4.91
CA ILE A 275 7.33 -13.79 -5.85
C ILE A 275 7.55 -12.36 -5.37
N TYR A 276 8.00 -11.51 -6.29
CA TYR A 276 8.34 -10.13 -5.98
C TYR A 276 7.56 -9.18 -6.88
N ALA A 277 7.57 -7.89 -6.53
CA ALA A 277 6.87 -6.88 -7.31
C ALA A 277 7.66 -5.58 -7.32
N ALA A 278 7.67 -4.90 -8.47
CA ALA A 278 8.44 -3.67 -8.63
C ALA A 278 7.72 -2.67 -9.54
N GLY A 279 7.80 -1.39 -9.18
CA GLY A 279 7.18 -0.34 -9.97
C GLY A 279 5.82 0.06 -9.44
N ASP A 280 5.00 0.63 -10.32
CA ASP A 280 3.70 1.18 -9.94
C ASP A 280 2.65 0.12 -9.55
N CYS A 281 2.87 -1.13 -9.96
CA CYS A 281 1.92 -2.19 -9.65
C CYS A 281 2.00 -2.56 -8.18
N ARG A 282 3.07 -2.08 -7.54
CA ARG A 282 3.37 -2.32 -6.12
C ARG A 282 2.86 -1.15 -5.27
N ASP A 283 2.73 -1.35 -3.96
CA ASP A 283 2.22 -0.29 -3.11
C ASP A 283 3.35 0.62 -2.69
N THR A 284 3.48 1.73 -3.42
CA THR A 284 4.75 2.46 -3.47
C THR A 284 4.50 3.92 -3.14
N PRO A 285 5.36 4.49 -2.31
CA PRO A 285 5.20 5.89 -1.92
C PRO A 285 5.32 6.82 -3.12
N ILE A 286 6.26 6.52 -4.03
CA ILE A 286 6.50 7.36 -5.21
C ILE A 286 6.33 6.61 -6.53
N TRP A 287 5.80 7.29 -7.55
CA TRP A 287 5.57 6.67 -8.85
C TRP A 287 6.62 7.08 -9.89
N GLN A 288 7.69 7.71 -9.42
CA GLN A 288 8.75 8.19 -10.28
C GLN A 288 9.55 7.05 -10.92
N LEU A 289 10.18 7.36 -12.05
CA LEU A 289 10.98 6.39 -12.78
C LEU A 289 12.19 5.86 -12.02
N VAL A 290 12.88 6.73 -11.28
CA VAL A 290 14.07 6.27 -10.56
C VAL A 290 13.70 5.18 -9.56
N THR A 291 12.64 5.42 -8.79
CA THR A 291 12.14 4.41 -7.87
C THR A 291 11.83 3.07 -8.55
N ALA A 292 11.26 3.14 -9.76
CA ALA A 292 10.89 1.94 -10.50
C ALA A 292 12.14 1.13 -10.84
N VAL A 293 13.18 1.83 -11.29
CA VAL A 293 14.45 1.20 -11.62
C VAL A 293 15.05 0.60 -10.36
N ARG A 294 15.00 1.37 -9.27
CA ARG A 294 15.53 0.94 -7.98
C ARG A 294 14.80 -0.32 -7.49
N ASP A 295 13.47 -0.33 -7.60
CA ASP A 295 12.67 -1.50 -7.23
C ASP A 295 13.08 -2.73 -8.03
N GLY A 296 13.30 -2.54 -9.32
CA GLY A 296 13.67 -3.63 -10.20
C GLY A 296 15.01 -4.22 -9.83
N ALA A 297 15.98 -3.35 -9.56
CA ALA A 297 17.30 -3.78 -9.14
C ALA A 297 17.22 -4.61 -7.86
N ILE A 298 16.54 -4.07 -6.87
CA ILE A 298 16.39 -4.74 -5.57
C ILE A 298 15.64 -6.06 -5.70
N ALA A 299 14.59 -6.06 -6.52
CA ALA A 299 13.79 -7.26 -6.72
C ALA A 299 14.64 -8.40 -7.30
N ALA A 300 15.56 -8.03 -8.19
CA ALA A 300 16.41 -9.02 -8.85
C ALA A 300 17.40 -9.66 -7.87
N THR A 301 17.91 -8.88 -6.92
CA THR A 301 18.91 -9.39 -5.98
C THR A 301 18.21 -10.17 -4.87
N ALA A 302 16.99 -9.75 -4.55
CA ALA A 302 16.20 -10.48 -3.56
C ALA A 302 15.82 -11.85 -4.11
N ALA A 303 15.49 -11.89 -5.40
CA ALA A 303 15.16 -13.15 -6.06
C ALA A 303 16.40 -14.04 -6.14
N TYR A 304 17.55 -13.44 -6.44
CA TYR A 304 18.80 -14.17 -6.49
C TYR A 304 19.09 -14.86 -5.17
N GLU A 305 18.94 -14.12 -4.08
CA GLU A 305 19.17 -14.67 -2.74
C GLU A 305 18.24 -15.84 -2.46
N TYR A 306 17.01 -15.73 -2.94
CA TYR A 306 15.99 -16.76 -2.75
C TYR A 306 16.33 -18.03 -3.53
N ILE A 307 16.78 -17.83 -4.77
CA ILE A 307 17.12 -18.95 -5.65
C ILE A 307 18.32 -19.74 -5.12
N GLU A 308 19.36 -19.04 -4.66
CA GLU A 308 20.53 -19.71 -4.14
C GLU A 308 20.17 -20.52 -2.91
N LYS A 309 19.66 -19.84 -1.88
CA LYS A 309 19.27 -20.50 -0.65
C LYS A 309 18.38 -21.70 -0.92
N ILE A 310 17.75 -21.72 -2.10
CA ILE A 310 16.87 -22.82 -2.47
C ILE A 310 16.19 -22.54 -3.80
N SER B 6 -5.58 21.32 26.46
CA SER B 6 -5.12 21.48 25.09
C SER B 6 -4.11 20.39 24.72
N MET B 7 -3.39 19.90 25.72
CA MET B 7 -2.41 18.86 25.51
C MET B 7 -3.00 17.49 25.82
N TYR B 8 -2.56 16.48 25.09
CA TYR B 8 -3.05 15.12 25.27
C TYR B 8 -1.93 14.10 25.08
N ASP B 9 -2.18 12.87 25.52
CA ASP B 9 -1.24 11.79 25.30
C ASP B 9 -1.44 11.24 23.90
N LEU B 10 -2.71 11.03 23.54
CA LEU B 10 -3.05 10.39 22.29
C LEU B 10 -4.32 11.02 21.70
N ILE B 11 -4.32 11.29 20.39
CA ILE B 11 -5.50 11.79 19.70
C ILE B 11 -5.88 10.87 18.54
N ILE B 12 -7.13 10.41 18.56
CA ILE B 12 -7.66 9.52 17.52
C ILE B 12 -8.56 10.27 16.56
N ILE B 13 -8.20 10.23 15.29
CA ILE B 13 -8.98 10.89 14.25
C ILE B 13 -9.86 9.86 13.55
N GLY B 14 -11.16 9.88 13.86
CA GLY B 14 -12.11 8.94 13.30
C GLY B 14 -12.85 8.17 14.39
N GLY B 15 -14.18 8.21 14.34
CA GLY B 15 -15.00 7.56 15.34
C GLY B 15 -15.66 6.28 14.88
N GLY B 16 -14.99 5.58 13.97
CA GLY B 16 -15.48 4.29 13.50
C GLY B 16 -15.08 3.19 14.45
N PRO B 17 -15.29 1.94 14.04
CA PRO B 17 -14.92 0.77 14.86
C PRO B 17 -13.44 0.78 15.25
N ALA B 18 -12.59 1.12 14.29
CA ALA B 18 -11.14 1.14 14.53
C ALA B 18 -10.78 2.17 15.60
N GLY B 19 -11.26 3.39 15.42
CA GLY B 19 -10.95 4.49 16.33
C GLY B 19 -11.53 4.27 17.70
N LEU B 20 -12.78 3.81 17.76
CA LEU B 20 -13.44 3.58 19.03
C LEU B 20 -12.74 2.47 19.81
N THR B 21 -12.29 1.43 19.10
CA THR B 21 -11.54 0.36 19.74
C THR B 21 -10.22 0.90 20.28
N ALA B 22 -9.56 1.72 19.47
CA ALA B 22 -8.30 2.34 19.90
C ALA B 22 -8.50 3.20 21.14
N GLY B 23 -9.62 3.92 21.18
CA GLY B 23 -9.93 4.78 22.30
C GLY B 23 -10.16 4.00 23.59
N ILE B 24 -10.94 2.93 23.48
CA ILE B 24 -11.24 2.08 24.64
C ILE B 24 -9.95 1.48 25.19
N TYR B 25 -9.12 0.94 24.31
CA TYR B 25 -7.83 0.39 24.70
C TYR B 25 -6.95 1.45 25.35
N ALA B 26 -6.89 2.63 24.73
CA ALA B 26 -6.04 3.70 25.23
C ALA B 26 -6.44 4.14 26.64
N VAL B 27 -7.74 4.23 26.89
CA VAL B 27 -8.24 4.61 28.21
C VAL B 27 -7.90 3.53 29.25
N ARG B 28 -8.05 2.27 28.87
CA ARG B 28 -7.74 1.17 29.78
C ARG B 28 -6.24 1.09 30.05
N TYR B 29 -5.44 1.54 29.10
CA TYR B 29 -3.99 1.65 29.31
C TYR B 29 -3.68 2.86 30.17
N GLY B 30 -4.69 3.69 30.41
CA GLY B 30 -4.55 4.85 31.27
C GLY B 30 -3.96 6.06 30.56
N LEU B 31 -4.24 6.19 29.27
CA LEU B 31 -3.77 7.32 28.49
C LEU B 31 -4.82 8.42 28.45
N ASP B 32 -4.35 9.66 28.39
CA ASP B 32 -5.22 10.82 28.25
C ASP B 32 -5.60 10.94 26.78
N THR B 33 -6.81 10.52 26.45
CA THR B 33 -7.21 10.32 25.06
C THR B 33 -8.40 11.16 24.61
N LEU B 34 -8.36 11.57 23.35
CA LEU B 34 -9.46 12.30 22.73
C LEU B 34 -9.74 11.77 21.33
N ILE B 35 -11.00 11.53 21.00
CA ILE B 35 -11.40 11.13 19.65
C ILE B 35 -12.02 12.31 18.88
N LEU B 36 -11.56 12.50 17.64
CA LEU B 36 -12.11 13.52 16.73
C LEU B 36 -12.96 12.90 15.61
N GLU B 37 -14.27 13.12 15.70
CA GLU B 37 -15.25 12.59 14.75
C GLU B 37 -15.89 13.72 13.94
N ARG B 38 -16.55 13.36 12.85
CA ARG B 38 -17.16 14.35 11.97
C ARG B 38 -18.67 14.19 11.94
N ASN B 39 -19.34 15.17 11.34
CA ASN B 39 -20.79 15.17 11.22
C ASN B 39 -21.32 16.52 10.79
N MET B 66 -22.89 -0.86 16.03
CA MET B 66 -22.75 0.55 15.68
C MET B 66 -22.84 1.42 16.92
N GLU B 67 -24.05 1.85 17.25
CA GLU B 67 -24.27 2.67 18.43
C GLU B 67 -23.77 1.94 19.66
N ARG B 68 -23.74 0.62 19.57
CA ARG B 68 -23.27 -0.21 20.68
C ARG B 68 -21.83 0.13 20.96
N PHE B 69 -21.04 0.26 19.90
CA PHE B 69 -19.62 0.60 20.03
C PHE B 69 -19.46 1.97 20.66
N ARG B 70 -20.26 2.92 20.20
CA ARG B 70 -20.22 4.27 20.74
C ARG B 70 -20.64 4.29 22.20
N THR B 71 -21.76 3.65 22.51
CA THR B 71 -22.26 3.63 23.88
C THR B 71 -21.26 2.95 24.82
N HIS B 72 -20.71 1.83 24.38
CA HIS B 72 -19.71 1.12 25.16
C HIS B 72 -18.52 2.03 25.41
N ALA B 73 -18.11 2.76 24.38
CA ALA B 73 -16.98 3.67 24.49
C ALA B 73 -17.23 4.76 25.54
N GLN B 74 -18.41 5.37 25.48
CA GLN B 74 -18.78 6.40 26.44
C GLN B 74 -18.72 5.86 27.87
N GLU B 75 -19.16 4.62 28.04
CA GLU B 75 -19.13 3.96 29.34
C GLU B 75 -17.70 3.79 29.85
N VAL B 76 -16.82 3.29 28.99
CA VAL B 76 -15.41 3.11 29.35
C VAL B 76 -14.80 4.44 29.77
N GLY B 77 -15.28 5.53 29.17
CA GLY B 77 -14.86 6.86 29.54
C GLY B 77 -13.96 7.53 28.51
N VAL B 78 -14.25 7.31 27.24
CA VAL B 78 -13.47 7.91 26.18
C VAL B 78 -14.01 9.29 25.82
N LYS B 79 -13.12 10.27 25.72
CA LYS B 79 -13.52 11.62 25.37
C LYS B 79 -13.66 11.76 23.87
N THR B 80 -14.74 12.38 23.42
CA THR B 80 -14.97 12.58 22.00
C THR B 80 -15.39 14.01 21.75
N THR B 81 -14.91 14.57 20.64
CA THR B 81 -15.22 15.95 20.27
C THR B 81 -15.48 16.00 18.77
N ILE B 82 -16.68 16.43 18.40
CA ILE B 82 -17.08 16.49 16.99
C ILE B 82 -16.53 17.74 16.30
N THR B 83 -15.53 17.54 15.45
CA THR B 83 -14.89 18.61 14.68
C THR B 83 -14.28 18.04 13.41
N GLU B 84 -13.54 18.87 12.69
CA GLU B 84 -12.89 18.45 11.46
C GLU B 84 -11.41 18.81 11.48
N VAL B 85 -10.56 17.83 11.20
CA VAL B 85 -9.11 18.03 11.19
C VAL B 85 -8.64 18.48 9.82
N LEU B 86 -7.80 19.50 9.80
CA LEU B 86 -7.32 20.09 8.56
C LEU B 86 -5.90 19.61 8.22
N SER B 87 -5.09 19.39 9.24
CA SER B 87 -3.73 18.91 9.03
C SER B 87 -3.10 18.39 10.32
N VAL B 88 -1.95 17.73 10.15
CA VAL B 88 -1.21 17.18 11.28
C VAL B 88 0.28 17.32 10.99
N ARG B 89 0.99 18.05 11.84
CA ARG B 89 2.42 18.24 11.67
C ARG B 89 3.19 17.81 12.91
N SER B 90 4.45 17.45 12.71
CA SER B 90 5.33 17.04 13.79
C SER B 90 6.35 18.14 14.09
N GLU B 91 6.59 18.35 15.38
CA GLU B 91 7.54 19.34 15.86
C GLU B 91 8.37 18.71 16.97
N GLY B 92 9.38 17.97 16.57
CA GLY B 92 10.19 17.18 17.48
C GLY B 92 9.40 15.97 17.91
N THR B 93 9.12 15.84 19.20
CA THR B 93 8.37 14.70 19.72
C THR B 93 6.88 15.00 19.87
N LYS B 94 6.50 16.25 19.57
CA LYS B 94 5.11 16.68 19.70
C LYS B 94 4.41 16.79 18.36
N LYS B 95 3.15 16.37 18.34
CA LYS B 95 2.30 16.46 17.15
C LYS B 95 1.18 17.47 17.34
N ILE B 96 1.10 18.39 16.38
CA ILE B 96 0.11 19.46 16.38
C ILE B 96 -1.00 19.15 15.39
N ILE B 97 -2.21 18.97 15.92
CA ILE B 97 -3.40 18.76 15.11
C ILE B 97 -4.18 20.06 15.02
N THR B 98 -4.28 20.59 13.80
CA THR B 98 -4.99 21.85 13.58
C THR B 98 -6.39 21.54 13.12
N THR B 99 -7.37 22.06 13.86
CA THR B 99 -8.78 21.88 13.55
C THR B 99 -9.40 23.22 13.21
N ASP B 100 -10.64 23.19 12.74
CA ASP B 100 -11.36 24.43 12.43
C ASP B 100 -11.57 25.26 13.69
N SER B 101 -11.47 24.61 14.85
CA SER B 101 -11.68 25.27 16.14
C SER B 101 -10.37 25.80 16.73
N GLY B 102 -9.24 25.28 16.26
CA GLY B 102 -7.95 25.68 16.79
C GLY B 102 -7.00 24.50 16.90
N ASP B 103 -5.73 24.78 17.20
CA ASP B 103 -4.70 23.76 17.30
C ASP B 103 -4.85 22.86 18.53
N LEU B 104 -4.52 21.58 18.35
CA LEU B 104 -4.47 20.61 19.44
C LEU B 104 -3.09 19.97 19.50
N GLU B 105 -2.67 19.60 20.70
CA GLU B 105 -1.35 19.00 20.90
C GLU B 105 -1.48 17.58 21.44
N ALA B 106 -0.61 16.69 20.98
CA ALA B 106 -0.63 15.30 21.43
C ALA B 106 0.74 14.65 21.24
N LYS B 107 1.02 13.62 22.04
CA LYS B 107 2.26 12.88 21.94
C LYS B 107 2.19 11.88 20.80
N ALA B 108 0.99 11.35 20.55
CA ALA B 108 0.79 10.36 19.49
C ALA B 108 -0.57 10.57 18.81
N VAL B 109 -0.67 10.13 17.56
CA VAL B 109 -1.90 10.25 16.78
C VAL B 109 -2.24 8.94 16.08
N ILE B 110 -3.53 8.62 16.05
CA ILE B 110 -4.01 7.46 15.29
C ILE B 110 -5.03 7.91 14.25
N ILE B 111 -4.73 7.62 12.99
CA ILE B 111 -5.64 7.91 11.87
C ILE B 111 -6.57 6.72 11.64
N ALA B 112 -7.86 6.92 11.90
CA ALA B 112 -8.86 5.88 11.70
C ALA B 112 -10.07 6.44 10.95
N THR B 113 -9.80 7.10 9.82
CA THR B 113 -10.82 7.84 9.10
C THR B 113 -11.56 7.02 8.04
N GLY B 114 -11.16 5.76 7.88
CA GLY B 114 -11.84 4.83 6.98
C GLY B 114 -11.77 5.18 5.51
N ALA B 115 -12.69 4.61 4.75
CA ALA B 115 -12.77 4.84 3.31
C ALA B 115 -14.21 4.73 2.82
N ASN B 116 -14.49 5.32 1.65
CA ASN B 116 -15.81 5.25 1.03
C ASN B 116 -15.72 4.81 -0.42
N PRO B 117 -16.77 4.14 -0.93
CA PRO B 117 -16.82 3.80 -2.35
C PRO B 117 -16.97 5.04 -3.23
N LYS B 118 -16.23 5.11 -4.33
CA LYS B 118 -16.38 6.21 -5.28
C LYS B 118 -17.74 6.14 -5.96
N HIS B 119 -18.32 7.30 -6.19
CA HIS B 119 -19.65 7.38 -6.80
C HIS B 119 -19.53 7.52 -8.32
N LEU B 120 -20.59 7.13 -9.02
CA LEU B 120 -20.63 7.27 -10.48
C LEU B 120 -20.72 8.74 -10.88
N GLY B 121 -21.45 9.52 -10.08
CA GLY B 121 -21.60 10.94 -10.37
C GLY B 121 -22.56 11.20 -11.49
N VAL B 122 -23.67 10.46 -11.51
CA VAL B 122 -24.69 10.64 -12.53
C VAL B 122 -26.02 10.98 -11.89
N PRO B 123 -26.91 11.67 -12.62
CA PRO B 123 -28.23 12.00 -12.07
C PRO B 123 -29.01 10.77 -11.61
N GLY B 124 -29.56 10.84 -10.40
CA GLY B 124 -30.39 9.78 -9.88
C GLY B 124 -29.66 8.82 -8.96
N GLU B 125 -28.33 8.83 -9.02
CA GLU B 125 -27.52 7.97 -8.17
C GLU B 125 -27.73 8.27 -6.69
N LYS B 126 -27.44 9.50 -6.30
CA LYS B 126 -27.53 9.90 -4.89
C LYS B 126 -28.95 9.80 -4.35
N GLU B 127 -29.93 9.97 -5.22
CA GLU B 127 -31.32 10.04 -4.80
C GLU B 127 -31.88 8.64 -4.55
N LEU B 128 -31.32 7.65 -5.23
CA LEU B 128 -31.83 6.28 -5.18
C LEU B 128 -30.92 5.33 -4.39
N ILE B 129 -29.96 5.90 -3.64
CA ILE B 129 -29.15 5.08 -2.74
C ILE B 129 -30.08 4.50 -1.68
N SER B 130 -29.89 3.22 -1.37
CA SER B 130 -30.73 2.48 -0.42
C SER B 130 -32.15 2.28 -0.96
N LYS B 131 -32.37 2.65 -2.22
CA LYS B 131 -33.65 2.47 -2.88
C LYS B 131 -33.47 1.82 -4.25
N GLY B 132 -32.43 1.00 -4.36
CA GLY B 132 -32.13 0.30 -5.60
C GLY B 132 -30.69 0.48 -6.02
N VAL B 133 -30.08 1.60 -5.63
CA VAL B 133 -28.67 1.86 -5.91
C VAL B 133 -27.85 1.41 -4.69
N SER B 134 -26.78 0.67 -4.96
CA SER B 134 -25.98 0.06 -3.89
C SER B 134 -24.51 -0.06 -4.27
N TYR B 135 -23.69 -0.31 -3.26
CA TYR B 135 -22.25 -0.52 -3.46
C TYR B 135 -21.78 -1.83 -2.82
N CYS B 136 -22.74 -2.62 -2.35
CA CYS B 136 -22.45 -3.96 -1.81
C CYS B 136 -23.48 -4.97 -2.32
N ALA B 137 -23.02 -5.85 -3.21
CA ALA B 137 -23.92 -6.83 -3.83
C ALA B 137 -24.28 -7.95 -2.86
N ILE B 138 -23.34 -8.29 -1.97
CA ILE B 138 -23.55 -9.38 -1.02
C ILE B 138 -24.52 -8.97 0.08
N CYS B 139 -24.51 -7.70 0.45
CA CYS B 139 -25.41 -7.20 1.49
C CYS B 139 -26.87 -7.22 1.02
N ASP B 140 -27.07 -6.98 -0.28
CA ASP B 140 -28.42 -6.83 -0.84
C ASP B 140 -28.80 -8.01 -1.71
N GLY B 141 -28.10 -9.13 -1.56
CA GLY B 141 -28.34 -10.33 -2.34
C GLY B 141 -29.79 -10.78 -2.38
N PRO B 142 -30.34 -11.12 -1.20
CA PRO B 142 -31.71 -11.66 -1.07
C PRO B 142 -32.79 -10.77 -1.67
N PHE B 143 -32.58 -9.45 -1.69
CA PHE B 143 -33.59 -8.53 -2.17
C PHE B 143 -33.83 -8.63 -3.68
N PHE B 144 -32.78 -8.99 -4.42
CA PHE B 144 -32.86 -8.99 -5.88
C PHE B 144 -32.98 -10.39 -6.47
N ARG B 145 -33.53 -11.32 -5.68
CA ARG B 145 -33.84 -12.66 -6.17
C ARG B 145 -34.95 -12.60 -7.21
N ASN B 146 -34.72 -13.22 -8.36
CA ASN B 146 -35.68 -13.25 -9.46
C ASN B 146 -36.01 -11.85 -9.99
N LYS B 147 -35.09 -10.92 -9.79
CA LYS B 147 -35.24 -9.56 -10.32
C LYS B 147 -34.14 -9.27 -11.32
N ILE B 148 -34.26 -8.13 -12.01
CA ILE B 148 -33.24 -7.69 -12.96
C ILE B 148 -32.31 -6.71 -12.26
N VAL B 149 -31.02 -6.78 -12.60
CA VAL B 149 -29.99 -6.05 -11.86
C VAL B 149 -28.87 -5.61 -12.80
N ALA B 150 -28.23 -4.48 -12.45
CA ALA B 150 -27.10 -3.96 -13.23
C ALA B 150 -25.87 -3.75 -12.34
N VAL B 151 -24.72 -4.14 -12.87
CA VAL B 151 -23.44 -3.93 -12.18
C VAL B 151 -22.52 -3.07 -13.04
N VAL B 152 -22.03 -1.98 -12.47
CA VAL B 152 -21.17 -1.03 -13.18
C VAL B 152 -19.73 -1.13 -12.66
N GLY B 153 -18.80 -1.45 -13.56
CA GLY B 153 -17.42 -1.67 -13.20
C GLY B 153 -16.79 -2.72 -14.09
N GLY B 154 -15.48 -2.93 -13.94
CA GLY B 154 -14.75 -3.87 -14.78
C GLY B 154 -13.65 -4.66 -14.08
N GLY B 155 -13.48 -4.43 -12.78
CA GLY B 155 -12.46 -5.12 -12.02
C GLY B 155 -12.93 -6.43 -11.43
N ASN B 156 -12.04 -7.10 -10.70
CA ASN B 156 -12.37 -8.38 -10.08
C ASN B 156 -13.58 -8.29 -9.15
N SER B 157 -13.73 -7.14 -8.48
CA SER B 157 -14.84 -6.97 -7.56
C SER B 157 -16.17 -6.89 -8.29
N ALA B 158 -16.22 -6.08 -9.35
CA ALA B 158 -17.45 -5.91 -10.12
C ALA B 158 -17.86 -7.22 -10.79
N VAL B 159 -16.90 -7.92 -11.35
CA VAL B 159 -17.18 -9.14 -12.08
C VAL B 159 -17.53 -10.27 -11.12
N THR B 160 -16.84 -10.32 -9.98
CA THR B 160 -17.10 -11.34 -8.97
C THR B 160 -18.51 -11.20 -8.41
N ASP B 161 -18.94 -9.97 -8.19
CA ASP B 161 -20.24 -9.71 -7.60
C ASP B 161 -21.34 -9.84 -8.64
N ALA B 162 -20.99 -9.66 -9.91
CA ALA B 162 -21.93 -9.90 -10.99
C ALA B 162 -22.22 -11.40 -11.08
N LEU B 163 -21.18 -12.20 -10.90
CA LEU B 163 -21.31 -13.65 -10.87
C LEU B 163 -22.11 -14.08 -9.65
N PHE B 164 -21.87 -13.41 -8.53
CA PHE B 164 -22.61 -13.66 -7.29
C PHE B 164 -24.10 -13.41 -7.50
N LEU B 165 -24.44 -12.24 -8.06
CA LEU B 165 -25.82 -11.86 -8.26
C LEU B 165 -26.54 -12.74 -9.29
N SER B 166 -25.79 -13.31 -10.23
CA SER B 166 -26.38 -14.16 -11.26
C SER B 166 -26.93 -15.45 -10.67
N LYS B 167 -26.47 -15.81 -9.48
CA LYS B 167 -26.92 -17.03 -8.81
C LYS B 167 -28.34 -16.88 -8.28
N VAL B 168 -28.83 -15.64 -8.16
CA VAL B 168 -30.13 -15.37 -7.57
C VAL B 168 -31.01 -14.49 -8.46
N ALA B 169 -30.39 -13.60 -9.23
CA ALA B 169 -31.13 -12.67 -10.07
C ALA B 169 -31.62 -13.31 -11.36
N GLN B 170 -32.68 -12.75 -11.93
CA GLN B 170 -33.21 -13.20 -13.21
C GLN B 170 -32.21 -12.93 -14.33
N LYS B 171 -31.75 -11.68 -14.39
CA LYS B 171 -30.79 -11.26 -15.40
C LYS B 171 -29.85 -10.22 -14.78
N VAL B 172 -28.60 -10.25 -15.21
CA VAL B 172 -27.60 -9.32 -14.73
C VAL B 172 -26.90 -8.62 -15.89
N TYR B 173 -26.96 -7.29 -15.91
CA TYR B 173 -26.21 -6.52 -16.88
C TYR B 173 -24.87 -6.10 -16.29
N LEU B 174 -23.79 -6.50 -16.95
CA LEU B 174 -22.45 -6.10 -16.52
C LEU B 174 -21.95 -5.00 -17.46
N VAL B 175 -21.93 -3.78 -16.94
CA VAL B 175 -21.64 -2.59 -17.75
C VAL B 175 -20.26 -2.02 -17.43
N HIS B 176 -19.46 -1.80 -18.48
CA HIS B 176 -18.12 -1.26 -18.33
C HIS B 176 -17.84 -0.22 -19.41
N ARG B 177 -17.12 0.84 -19.04
CA ARG B 177 -16.90 1.98 -19.94
C ARG B 177 -15.77 1.76 -20.93
N ARG B 178 -14.92 0.77 -20.67
CA ARG B 178 -13.80 0.48 -21.57
C ARG B 178 -14.18 -0.63 -22.54
N ASP B 179 -13.29 -0.91 -23.48
CA ASP B 179 -13.58 -1.87 -24.55
C ASP B 179 -13.35 -3.31 -24.12
N HIS B 180 -12.75 -3.50 -22.94
CA HIS B 180 -12.55 -4.84 -22.40
C HIS B 180 -12.62 -4.80 -20.87
N LEU B 181 -12.81 -5.96 -20.27
CA LEU B 181 -12.82 -6.06 -18.81
C LEU B 181 -11.39 -6.19 -18.30
N LYS B 182 -11.14 -5.62 -17.13
CA LYS B 182 -9.80 -5.64 -16.54
C LYS B 182 -9.63 -6.82 -15.59
N ALA B 183 -10.71 -7.54 -15.32
CA ALA B 183 -10.68 -8.66 -14.39
C ALA B 183 -9.86 -9.83 -14.91
N ALA B 184 -9.55 -10.77 -14.02
CA ALA B 184 -8.78 -11.96 -14.37
C ALA B 184 -9.49 -12.81 -15.40
N ARG B 185 -8.72 -13.50 -16.23
CA ARG B 185 -9.27 -14.34 -17.29
C ARG B 185 -10.26 -15.34 -16.73
N VAL B 186 -9.94 -15.90 -15.57
CA VAL B 186 -10.78 -16.91 -14.94
C VAL B 186 -12.18 -16.37 -14.68
N LEU B 187 -12.28 -15.11 -14.27
CA LEU B 187 -13.57 -14.51 -14.01
C LEU B 187 -14.26 -14.17 -15.32
N GLN B 188 -13.50 -13.68 -16.29
CA GLN B 188 -14.04 -13.35 -17.59
C GLN B 188 -14.59 -14.60 -18.28
N ASP B 189 -13.87 -15.72 -18.14
CA ASP B 189 -14.32 -16.98 -18.72
C ASP B 189 -15.60 -17.45 -18.04
N ARG B 190 -15.70 -17.24 -16.73
CA ARG B 190 -16.90 -17.61 -15.99
C ARG B 190 -18.12 -16.79 -16.43
N VAL B 191 -17.91 -15.52 -16.75
CA VAL B 191 -19.01 -14.66 -17.18
C VAL B 191 -19.68 -15.19 -18.45
N ASP B 192 -18.93 -15.95 -19.25
CA ASP B 192 -19.51 -16.56 -20.45
C ASP B 192 -18.91 -17.97 -20.62
N GLY B 193 -19.70 -19.04 -20.42
CA GLY B 193 -21.15 -19.01 -20.36
C GLY B 193 -21.80 -18.94 -18.99
N THR B 194 -22.13 -17.73 -18.55
CA THR B 194 -23.15 -17.50 -17.54
C THR B 194 -24.31 -16.84 -18.28
N PRO B 195 -25.27 -17.65 -18.78
CA PRO B 195 -26.27 -17.15 -19.72
C PRO B 195 -27.13 -15.98 -19.24
N ASN B 196 -27.36 -15.86 -17.93
CA ASN B 196 -28.20 -14.78 -17.44
C ASN B 196 -27.39 -13.51 -17.13
N ILE B 197 -26.11 -13.51 -17.50
CA ILE B 197 -25.30 -12.30 -17.50
C ILE B 197 -25.11 -11.76 -18.91
N GLU B 198 -25.48 -10.49 -19.12
CA GLU B 198 -25.19 -9.80 -20.37
C GLU B 198 -24.07 -8.78 -20.17
N LEU B 199 -22.98 -8.95 -20.91
CA LEU B 199 -21.83 -8.06 -20.82
C LEU B 199 -21.95 -6.92 -21.82
N ILE B 200 -21.96 -5.69 -21.31
CA ILE B 200 -22.05 -4.49 -22.14
C ILE B 200 -20.79 -3.64 -21.98
N LEU B 201 -19.94 -3.67 -23.00
CA LEU B 201 -18.67 -2.94 -22.99
C LEU B 201 -18.80 -1.61 -23.75
N ASN B 202 -17.79 -0.76 -23.62
CA ASN B 202 -17.80 0.56 -24.26
C ASN B 202 -19.08 1.32 -23.93
N SER B 203 -19.52 1.22 -22.68
CA SER B 203 -20.80 1.78 -22.26
C SER B 203 -20.66 2.65 -21.03
N HIS B 204 -21.32 3.80 -21.07
CA HIS B 204 -21.23 4.77 -19.99
C HIS B 204 -22.61 5.11 -19.48
N VAL B 205 -22.75 5.21 -18.16
CA VAL B 205 -24.05 5.46 -17.56
C VAL B 205 -24.38 6.94 -17.63
N LEU B 206 -25.58 7.26 -18.12
CA LEU B 206 -26.01 8.65 -18.23
C LEU B 206 -26.85 9.05 -17.04
N GLU B 207 -27.69 8.12 -16.57
CA GLU B 207 -28.54 8.39 -15.40
C GLU B 207 -29.21 7.11 -14.91
N ILE B 208 -29.46 7.06 -13.61
CA ILE B 208 -30.28 6.02 -13.01
C ILE B 208 -31.61 6.65 -12.67
N VAL B 209 -32.68 6.17 -13.30
CA VAL B 209 -33.99 6.79 -13.15
C VAL B 209 -34.92 5.87 -12.35
N GLY B 210 -35.69 6.49 -11.46
CA GLY B 210 -36.59 5.78 -10.57
C GLY B 210 -38.05 5.88 -10.97
N THR B 211 -38.90 5.19 -10.22
CA THR B 211 -40.33 5.13 -10.49
C THR B 211 -40.99 6.51 -10.42
N ARG B 212 -41.99 6.71 -11.27
CA ARG B 212 -42.73 7.97 -11.30
C ARG B 212 -43.89 7.92 -10.31
N GLU B 213 -44.45 6.73 -10.12
CA GLU B 213 -45.46 6.51 -9.10
C GLU B 213 -44.78 5.73 -8.00
N GLY B 214 -45.00 6.11 -6.74
CA GLY B 214 -44.27 5.48 -5.65
C GLY B 214 -44.62 4.02 -5.49
N ILE B 215 -43.97 3.34 -4.54
CA ILE B 215 -42.85 3.87 -3.78
C ILE B 215 -41.63 4.14 -4.67
N LYS B 216 -40.88 5.19 -4.35
CA LYS B 216 -39.75 5.61 -5.17
C LYS B 216 -38.58 4.62 -5.10
N LYS B 217 -38.37 3.91 -6.21
CA LYS B 217 -37.29 2.93 -6.32
C LYS B 217 -36.72 2.97 -7.73
N VAL B 218 -35.57 2.33 -7.93
CA VAL B 218 -34.96 2.26 -9.25
C VAL B 218 -35.88 1.53 -10.22
N GLU B 219 -36.01 2.07 -11.43
CA GLU B 219 -36.88 1.50 -12.45
C GLU B 219 -36.11 1.18 -13.73
N LYS B 220 -35.19 2.08 -14.11
CA LYS B 220 -34.43 1.92 -15.35
C LYS B 220 -33.08 2.61 -15.27
N ILE B 221 -32.21 2.29 -16.23
CA ILE B 221 -30.91 2.95 -16.35
C ILE B 221 -30.64 3.31 -17.81
N ILE B 222 -30.06 4.49 -18.02
CA ILE B 222 -29.72 4.96 -19.36
C ILE B 222 -28.25 4.77 -19.66
N LEU B 223 -27.94 4.04 -20.73
CA LEU B 223 -26.57 3.81 -21.15
C LEU B 223 -26.24 4.59 -22.43
N GLU B 224 -24.96 4.81 -22.67
CA GLU B 224 -24.48 5.42 -23.90
C GLU B 224 -23.23 4.73 -24.39
N ASP B 225 -23.22 4.33 -25.65
CA ASP B 225 -22.02 3.76 -26.25
C ASP B 225 -20.98 4.86 -26.43
N VAL B 226 -19.77 4.64 -25.92
CA VAL B 226 -18.74 5.65 -25.92
C VAL B 226 -18.27 5.99 -27.34
N ASN B 227 -18.45 5.06 -28.26
CA ASN B 227 -17.94 5.22 -29.62
C ASN B 227 -18.98 5.74 -30.61
N SER B 228 -20.19 5.19 -30.54
CA SER B 228 -21.25 5.55 -31.49
C SER B 228 -22.23 6.55 -30.87
N ARG B 229 -22.10 6.78 -29.56
CA ARG B 229 -22.99 7.68 -28.82
C ARG B 229 -24.45 7.22 -28.89
N GLU B 230 -24.66 5.96 -29.25
CA GLU B 230 -26.00 5.38 -29.25
C GLU B 230 -26.44 5.09 -27.83
N THR B 231 -27.68 5.47 -27.50
CA THR B 231 -28.22 5.27 -26.15
C THR B 231 -29.13 4.05 -26.07
N ARG B 232 -29.31 3.54 -24.86
CA ARG B 232 -30.16 2.39 -24.63
C ARG B 232 -30.81 2.47 -23.26
N GLU B 233 -32.11 2.20 -23.20
CA GLU B 233 -32.82 2.12 -21.92
C GLU B 233 -32.88 0.66 -21.49
N LEU B 234 -32.54 0.41 -20.23
CA LEU B 234 -32.63 -0.91 -19.64
C LEU B 234 -33.51 -0.89 -18.40
N SER B 235 -34.55 -1.72 -18.39
CA SER B 235 -35.35 -1.91 -17.20
C SER B 235 -34.52 -2.69 -16.18
N THR B 236 -34.36 -2.11 -15.00
CA THR B 236 -33.60 -2.76 -13.93
C THR B 236 -34.18 -2.40 -12.56
N ASN B 237 -34.11 -3.36 -11.64
CA ASN B 237 -34.61 -3.16 -10.29
C ASN B 237 -33.53 -2.62 -9.34
N GLY B 238 -32.28 -2.78 -9.73
CA GLY B 238 -31.17 -2.31 -8.91
C GLY B 238 -29.91 -2.03 -9.70
N VAL B 239 -29.06 -1.17 -9.16
CA VAL B 239 -27.78 -0.83 -9.78
C VAL B 239 -26.67 -0.92 -8.74
N PHE B 240 -25.69 -1.78 -9.02
CA PHE B 240 -24.55 -1.96 -8.13
C PHE B 240 -23.29 -1.36 -8.75
N ILE B 241 -22.63 -0.51 -7.99
CA ILE B 241 -21.51 0.30 -8.49
C ILE B 241 -20.17 -0.11 -7.90
N TYR B 242 -19.18 -0.29 -8.78
CA TYR B 242 -17.84 -0.68 -8.37
C TYR B 242 -16.80 0.07 -9.20
N VAL B 243 -16.56 1.33 -8.83
CA VAL B 243 -15.63 2.17 -9.57
C VAL B 243 -14.54 2.74 -8.67
N GLY B 244 -14.14 1.95 -7.66
CA GLY B 244 -13.01 2.31 -6.82
C GLY B 244 -13.34 2.64 -5.38
N ILE B 245 -12.28 2.67 -4.55
CA ILE B 245 -12.37 3.02 -3.14
C ILE B 245 -11.57 4.28 -2.86
N HIS B 246 -12.14 5.16 -2.04
CA HIS B 246 -11.48 6.41 -1.68
C HIS B 246 -11.16 6.45 -0.18
N PRO B 247 -9.87 6.36 0.17
CA PRO B 247 -9.50 6.52 1.58
C PRO B 247 -9.49 7.99 2.00
N ASN B 248 -10.02 8.28 3.18
CA ASN B 248 -10.10 9.66 3.69
C ASN B 248 -8.81 10.11 4.34
N THR B 249 -7.79 10.37 3.52
CA THR B 249 -6.45 10.64 4.03
C THR B 249 -5.74 11.82 3.38
N GLU B 250 -6.49 12.73 2.76
CA GLU B 250 -5.86 13.88 2.11
C GLU B 250 -5.30 14.89 3.11
N PHE B 251 -5.78 14.84 4.35
CA PHE B 251 -5.41 15.83 5.35
C PHE B 251 -4.10 15.51 6.05
N VAL B 252 -3.57 14.30 5.82
CA VAL B 252 -2.28 13.91 6.40
C VAL B 252 -1.23 13.78 5.31
N ASP B 253 0.01 14.07 5.67
CA ASP B 253 1.10 14.08 4.71
C ASP B 253 2.11 12.96 5.00
N VAL B 254 1.64 11.91 5.65
CA VAL B 254 2.46 10.72 5.84
C VAL B 254 2.53 9.94 4.53
N GLU B 255 3.41 8.96 4.48
CA GLU B 255 3.62 8.15 3.29
C GLU B 255 2.37 7.34 2.92
N LYS B 256 1.98 7.40 1.65
CA LYS B 256 0.82 6.67 1.14
C LYS B 256 1.11 6.03 -0.21
N ASP B 257 0.21 5.17 -0.67
CA ASP B 257 0.32 4.58 -2.00
C ASP B 257 -0.40 5.45 -3.02
N GLU B 258 -0.37 5.03 -4.28
CA GLU B 258 -1.01 5.75 -5.37
C GLU B 258 -2.52 5.87 -5.20
N GLY B 259 -3.08 5.10 -4.29
CA GLY B 259 -4.52 5.10 -4.04
C GLY B 259 -4.91 5.98 -2.87
N GLY B 260 -3.91 6.45 -2.14
CA GLY B 260 -4.12 7.32 -0.99
C GLY B 260 -4.17 6.57 0.32
N PHE B 261 -3.93 5.27 0.28
CA PHE B 261 -3.97 4.45 1.49
C PHE B 261 -2.67 4.59 2.29
N ILE B 262 -2.82 4.81 3.59
CA ILE B 262 -1.68 5.06 4.48
C ILE B 262 -0.87 3.80 4.68
N LYS B 263 0.42 3.88 4.37
CA LYS B 263 1.32 2.76 4.56
C LYS B 263 1.75 2.65 6.01
N THR B 264 1.78 1.41 6.53
CA THR B 264 2.14 1.17 7.92
C THR B 264 2.98 -0.08 8.07
N ASP B 265 3.57 -0.27 9.25
CA ASP B 265 4.28 -1.50 9.57
C ASP B 265 3.31 -2.49 10.21
N ARG B 266 3.83 -3.59 10.73
CA ARG B 266 2.99 -4.62 11.35
C ARG B 266 2.32 -4.09 12.62
N TRP B 267 2.85 -3.01 13.19
CA TRP B 267 2.28 -2.39 14.38
C TRP B 267 1.53 -1.10 14.07
N MET B 268 1.09 -0.97 12.83
CA MET B 268 0.24 0.14 12.40
C MET B 268 0.93 1.50 12.42
N GLU B 269 2.26 1.52 12.57
CA GLU B 269 2.97 2.79 12.61
C GLU B 269 3.23 3.34 11.21
N THR B 270 2.91 4.61 11.00
CA THR B 270 3.12 5.26 9.71
C THR B 270 4.58 5.60 9.51
N SER B 271 4.86 6.39 8.48
CA SER B 271 6.22 6.81 8.18
C SER B 271 6.70 7.90 9.16
N GLU B 272 5.76 8.46 9.91
CA GLU B 272 6.06 9.49 10.89
C GLU B 272 5.95 8.91 12.30
N LYS B 273 7.10 8.76 12.97
CA LYS B 273 7.13 8.23 14.33
C LYS B 273 6.14 8.93 15.24
N GLY B 274 5.31 8.15 15.94
CA GLY B 274 4.31 8.69 16.83
C GLY B 274 2.93 8.74 16.19
N ILE B 275 2.87 8.54 14.87
CA ILE B 275 1.61 8.55 14.13
C ILE B 275 1.30 7.15 13.61
N TYR B 276 0.07 6.70 13.85
CA TYR B 276 -0.38 5.37 13.47
C TYR B 276 -1.63 5.45 12.61
N ALA B 277 -1.99 4.33 11.99
CA ALA B 277 -3.19 4.27 11.15
C ALA B 277 -3.88 2.92 11.28
N ALA B 278 -5.21 2.95 11.31
CA ALA B 278 -6.00 1.73 11.52
C ALA B 278 -7.32 1.80 10.75
N GLY B 279 -7.73 0.65 10.19
CA GLY B 279 -8.97 0.57 9.45
C GLY B 279 -8.77 0.70 7.94
N ASP B 280 -9.83 1.11 7.24
CA ASP B 280 -9.80 1.15 5.78
C ASP B 280 -8.88 2.22 5.20
N CYS B 281 -8.51 3.22 6.01
CA CYS B 281 -7.67 4.30 5.52
C CYS B 281 -6.20 3.89 5.35
N ARG B 282 -5.83 2.72 5.87
CA ARG B 282 -4.46 2.21 5.75
C ARG B 282 -4.41 1.17 4.63
N ASP B 283 -3.24 0.89 4.09
CA ASP B 283 -3.15 -0.08 3.00
C ASP B 283 -3.26 -1.48 3.59
N THR B 284 -4.50 -1.96 3.70
CA THR B 284 -4.76 -3.25 4.30
C THR B 284 -5.50 -4.21 3.36
N PRO B 285 -5.21 -5.51 3.45
CA PRO B 285 -5.97 -6.52 2.72
C PRO B 285 -7.28 -6.84 3.44
N ILE B 286 -8.17 -7.59 2.80
CA ILE B 286 -9.44 -7.98 3.40
C ILE B 286 -10.35 -6.80 3.77
N TRP B 287 -9.82 -5.87 4.58
CA TRP B 287 -10.51 -4.64 4.97
C TRP B 287 -11.97 -4.86 5.42
N GLN B 288 -12.16 -5.85 6.28
CA GLN B 288 -13.45 -6.14 6.87
C GLN B 288 -13.64 -5.28 8.11
N LEU B 289 -14.53 -5.70 9.01
CA LEU B 289 -14.79 -4.94 10.24
C LEU B 289 -13.95 -5.48 11.38
N VAL B 290 -13.68 -6.78 11.35
CA VAL B 290 -12.90 -7.41 12.41
C VAL B 290 -11.49 -6.82 12.40
N THR B 291 -10.80 -6.98 11.28
CA THR B 291 -9.49 -6.38 11.06
C THR B 291 -9.41 -4.91 11.52
N ALA B 292 -10.50 -4.17 11.33
CA ALA B 292 -10.53 -2.76 11.71
C ALA B 292 -10.38 -2.65 13.23
N VAL B 293 -11.11 -3.49 13.93
CA VAL B 293 -11.06 -3.55 15.39
C VAL B 293 -9.67 -4.00 15.86
N ARG B 294 -9.15 -5.03 15.20
CA ARG B 294 -7.82 -5.55 15.53
C ARG B 294 -6.77 -4.46 15.32
N ASP B 295 -6.86 -3.75 14.20
CA ASP B 295 -5.94 -2.66 13.89
C ASP B 295 -5.96 -1.59 14.99
N GLY B 296 -7.15 -1.25 15.44
CA GLY B 296 -7.31 -0.22 16.46
C GLY B 296 -6.65 -0.61 17.77
N ALA B 297 -6.83 -1.86 18.16
CA ALA B 297 -6.22 -2.39 19.37
C ALA B 297 -4.71 -2.31 19.29
N ILE B 298 -4.15 -2.79 18.17
CA ILE B 298 -2.70 -2.79 17.98
C ILE B 298 -2.16 -1.35 17.92
N ALA B 299 -2.86 -0.48 17.21
CA ALA B 299 -2.44 0.92 17.08
C ALA B 299 -2.39 1.60 18.43
N ALA B 300 -3.38 1.30 19.28
CA ALA B 300 -3.46 1.90 20.60
C ALA B 300 -2.33 1.40 21.50
N THR B 301 -1.96 0.13 21.32
CA THR B 301 -0.93 -0.49 22.16
C THR B 301 0.45 -0.06 21.70
N ALA B 302 0.59 0.15 20.40
CA ALA B 302 1.84 0.66 19.84
C ALA B 302 2.05 2.11 20.28
N ALA B 303 0.97 2.87 20.33
CA ALA B 303 1.02 4.26 20.77
C ALA B 303 1.39 4.33 22.26
N TYR B 304 0.82 3.42 23.04
CA TYR B 304 1.11 3.36 24.48
C TYR B 304 2.60 3.17 24.69
N GLU B 305 3.20 2.23 23.97
CA GLU B 305 4.61 1.95 24.08
C GLU B 305 5.46 3.17 23.73
N TYR B 306 5.02 3.90 22.70
CA TYR B 306 5.75 5.09 22.25
C TYR B 306 5.69 6.20 23.28
N ILE B 307 4.50 6.40 23.85
CA ILE B 307 4.28 7.46 24.82
C ILE B 307 5.07 7.21 26.11
N GLU B 308 5.00 6.00 26.64
CA GLU B 308 5.71 5.63 27.85
C GLU B 308 7.23 5.68 27.68
N LYS B 309 7.69 5.52 26.44
CA LYS B 309 9.12 5.58 26.13
C LYS B 309 9.65 7.02 26.09
N ILE B 310 9.03 7.91 26.86
CA ILE B 310 9.45 9.30 26.93
C ILE B 310 9.58 9.75 28.39
N ALA C 5 24.82 41.15 -22.06
CA ALA C 5 23.64 40.63 -21.38
C ALA C 5 23.62 41.06 -19.92
N SER C 6 24.13 40.19 -19.05
CA SER C 6 24.19 40.48 -17.63
C SER C 6 22.84 40.33 -16.94
N MET C 7 21.80 40.90 -17.54
CA MET C 7 20.46 40.83 -16.98
C MET C 7 19.68 39.67 -17.58
N TYR C 8 18.89 38.99 -16.74
CA TYR C 8 18.10 37.85 -17.19
C TYR C 8 16.80 37.73 -16.42
N ASP C 9 15.86 36.96 -16.95
CA ASP C 9 14.59 36.74 -16.28
C ASP C 9 14.79 35.69 -15.20
N LEU C 10 15.53 34.64 -15.55
CA LEU C 10 15.74 33.49 -14.67
C LEU C 10 17.16 32.98 -14.78
N ILE C 11 17.76 32.67 -13.63
CA ILE C 11 19.06 32.01 -13.60
C ILE C 11 18.97 30.72 -12.82
N ILE C 12 19.35 29.62 -13.47
CA ILE C 12 19.32 28.31 -12.86
C ILE C 12 20.75 27.90 -12.49
N ILE C 13 20.98 27.64 -11.20
CA ILE C 13 22.30 27.24 -10.73
C ILE C 13 22.35 25.73 -10.56
N GLY C 14 23.04 25.06 -11.49
CA GLY C 14 23.16 23.61 -11.48
C GLY C 14 22.65 23.00 -12.77
N GLY C 15 23.48 22.19 -13.40
CA GLY C 15 23.14 21.58 -14.67
C GLY C 15 22.77 20.12 -14.55
N GLY C 16 22.20 19.74 -13.41
CA GLY C 16 21.72 18.39 -13.19
C GLY C 16 20.34 18.20 -13.79
N PRO C 17 19.70 17.06 -13.49
CA PRO C 17 18.36 16.77 -13.99
C PRO C 17 17.35 17.86 -13.62
N ALA C 18 17.40 18.33 -12.37
CA ALA C 18 16.49 19.36 -11.89
C ALA C 18 16.67 20.66 -12.67
N GLY C 19 17.92 21.10 -12.77
CA GLY C 19 18.23 22.35 -13.44
C GLY C 19 17.92 22.32 -14.92
N LEU C 20 18.27 21.22 -15.58
CA LEU C 20 18.04 21.10 -17.01
C LEU C 20 16.55 21.08 -17.33
N THR C 21 15.77 20.41 -16.49
CA THR C 21 14.32 20.39 -16.66
C THR C 21 13.76 21.78 -16.47
N ALA C 22 14.24 22.47 -15.44
CA ALA C 22 13.81 23.83 -15.15
C ALA C 22 14.12 24.75 -16.33
N GLY C 23 15.29 24.55 -16.93
CA GLY C 23 15.71 25.36 -18.06
C GLY C 23 14.83 25.15 -19.28
N ILE C 24 14.52 23.89 -19.57
CA ILE C 24 13.68 23.55 -20.71
C ILE C 24 12.29 24.16 -20.57
N TYR C 25 11.68 24.00 -19.40
CA TYR C 25 10.36 24.57 -19.14
C TYR C 25 10.35 26.09 -19.25
N ALA C 26 11.35 26.72 -18.63
CA ALA C 26 11.44 28.18 -18.59
C ALA C 26 11.58 28.75 -20.01
N VAL C 27 12.36 28.08 -20.84
CA VAL C 27 12.55 28.50 -22.22
C VAL C 27 11.27 28.35 -23.01
N ARG C 28 10.55 27.24 -22.79
CA ARG C 28 9.28 27.02 -23.47
C ARG C 28 8.23 28.00 -22.95
N TYR C 29 8.41 28.48 -21.73
CA TYR C 29 7.57 29.53 -21.17
C TYR C 29 7.96 30.90 -21.72
N GLY C 30 9.08 30.95 -22.44
CA GLY C 30 9.51 32.17 -23.09
C GLY C 30 10.27 33.11 -22.17
N LEU C 31 11.00 32.54 -21.22
CA LEU C 31 11.78 33.33 -20.28
C LEU C 31 13.22 33.45 -20.77
N ASP C 32 13.86 34.57 -20.47
CA ASP C 32 15.27 34.74 -20.78
C ASP C 32 16.09 34.07 -19.68
N THR C 33 16.57 32.85 -19.96
CA THR C 33 17.19 32.04 -18.92
C THR C 33 18.62 31.60 -19.24
N LEU C 34 19.40 31.46 -18.17
CA LEU C 34 20.77 31.00 -18.25
C LEU C 34 21.04 29.95 -17.18
N ILE C 35 21.68 28.86 -17.56
CA ILE C 35 22.09 27.82 -16.61
C ILE C 35 23.57 27.96 -16.31
N LEU C 36 23.92 27.90 -15.03
CA LEU C 36 25.31 27.94 -14.60
C LEU C 36 25.78 26.55 -14.18
N GLU C 37 26.66 25.96 -14.98
CA GLU C 37 27.17 24.62 -14.77
C GLU C 37 28.65 24.63 -14.37
N ARG C 38 29.01 23.78 -13.42
CA ARG C 38 30.38 23.73 -12.92
C ARG C 38 31.34 22.88 -13.77
N ASN C 39 30.81 22.04 -14.65
CA ASN C 39 31.66 21.19 -15.49
C ASN C 39 30.85 20.37 -16.49
N GLU C 40 31.49 20.06 -17.63
CA GLU C 40 30.86 19.27 -18.68
C GLU C 40 31.67 18.02 -18.98
N GLU C 67 23.68 13.39 -19.42
CA GLU C 67 23.15 12.43 -20.37
C GLU C 67 22.71 13.13 -21.64
N ARG C 68 21.73 12.55 -22.33
CA ARG C 68 21.20 13.13 -23.55
C ARG C 68 20.60 14.46 -23.15
N PHE C 69 19.98 14.45 -21.97
CA PHE C 69 19.33 15.62 -21.37
C PHE C 69 20.06 16.92 -21.72
N ARG C 70 21.38 16.90 -21.60
CA ARG C 70 22.18 18.07 -21.90
C ARG C 70 21.99 18.53 -23.35
N THR C 71 22.12 17.60 -24.28
CA THR C 71 21.97 17.91 -25.69
C THR C 71 20.54 18.31 -26.02
N HIS C 72 19.60 17.58 -25.42
CA HIS C 72 18.19 17.87 -25.54
C HIS C 72 17.91 19.29 -25.09
N ALA C 73 18.47 19.68 -23.95
CA ALA C 73 18.26 21.02 -23.43
C ALA C 73 18.79 22.06 -24.40
N GLN C 74 20.04 21.87 -24.83
CA GLN C 74 20.68 22.80 -25.75
C GLN C 74 19.81 23.00 -26.99
N GLU C 75 19.17 21.94 -27.45
CA GLU C 75 18.31 22.01 -28.61
C GLU C 75 17.17 22.98 -28.38
N VAL C 76 16.46 22.80 -27.27
CA VAL C 76 15.33 23.66 -26.93
C VAL C 76 15.76 25.13 -26.99
N GLY C 77 17.03 25.37 -26.70
CA GLY C 77 17.59 26.71 -26.73
C GLY C 77 17.95 27.25 -25.36
N VAL C 78 18.46 26.38 -24.50
CA VAL C 78 18.90 26.82 -23.18
C VAL C 78 20.30 27.40 -23.32
N LYS C 79 20.54 28.51 -22.63
CA LYS C 79 21.87 29.09 -22.59
C LYS C 79 22.57 28.52 -21.38
N THR C 80 23.79 28.02 -21.56
CA THR C 80 24.58 27.49 -20.46
C THR C 80 25.96 28.14 -20.46
N THR C 81 26.52 28.30 -19.27
CA THR C 81 27.82 28.93 -19.11
C THR C 81 28.62 28.19 -18.05
N ILE C 82 29.82 27.76 -18.42
CA ILE C 82 30.66 27.00 -17.50
C ILE C 82 31.38 27.92 -16.52
N THR C 83 30.86 28.01 -15.30
CA THR C 83 31.46 28.82 -14.24
C THR C 83 31.05 28.28 -12.88
N GLU C 84 31.42 29.01 -11.82
CA GLU C 84 31.13 28.62 -10.45
C GLU C 84 30.52 29.78 -9.67
N VAL C 85 29.41 29.52 -8.98
CA VAL C 85 28.76 30.54 -8.19
C VAL C 85 29.39 30.61 -6.80
N LEU C 86 29.69 31.83 -6.37
CA LEU C 86 30.35 32.07 -5.10
C LEU C 86 29.37 32.58 -4.06
N SER C 87 28.37 33.32 -4.51
CA SER C 87 27.34 33.83 -3.61
C SER C 87 26.12 34.33 -4.36
N VAL C 88 25.03 34.56 -3.63
CA VAL C 88 23.78 35.07 -4.20
C VAL C 88 23.10 35.97 -3.21
N ARG C 89 22.88 37.24 -3.59
CA ARG C 89 22.21 38.20 -2.72
C ARG C 89 21.00 38.78 -3.43
N SER C 90 19.98 39.16 -2.65
CA SER C 90 18.78 39.74 -3.25
C SER C 90 18.57 41.17 -2.80
N GLU C 91 18.47 42.08 -3.77
CA GLU C 91 18.24 43.49 -3.46
C GLU C 91 17.13 44.09 -4.30
N GLY C 92 16.14 44.68 -3.65
CA GLY C 92 15.05 45.35 -4.35
C GLY C 92 14.32 44.52 -5.40
N THR C 93 14.01 43.27 -5.09
CA THR C 93 13.30 42.42 -6.05
C THR C 93 14.21 41.98 -7.18
N LYS C 94 15.53 42.09 -6.96
CA LYS C 94 16.50 41.69 -7.96
C LYS C 94 17.49 40.75 -7.30
N LYS C 95 17.98 39.77 -8.05
CA LYS C 95 18.92 38.81 -7.50
C LYS C 95 20.31 38.98 -8.11
N ILE C 96 21.30 39.12 -7.24
CA ILE C 96 22.68 39.29 -7.66
C ILE C 96 23.44 37.99 -7.47
N ILE C 97 23.82 37.36 -8.58
CA ILE C 97 24.64 36.16 -8.55
C ILE C 97 26.07 36.54 -8.89
N THR C 98 26.97 36.36 -7.95
CA THR C 98 28.38 36.68 -8.17
C THR C 98 29.14 35.41 -8.53
N THR C 99 29.70 35.40 -9.73
CA THR C 99 30.50 34.29 -10.21
C THR C 99 31.91 34.79 -10.52
N ASP C 100 32.81 33.86 -10.83
CA ASP C 100 34.19 34.20 -11.16
C ASP C 100 34.28 35.08 -12.41
N SER C 101 33.21 35.10 -13.20
CA SER C 101 33.18 35.88 -14.44
C SER C 101 32.68 37.30 -14.21
N GLY C 102 31.96 37.52 -13.11
CA GLY C 102 31.40 38.83 -12.80
C GLY C 102 30.01 38.71 -12.23
N ASP C 103 29.47 39.80 -11.73
CA ASP C 103 28.13 39.77 -11.14
C ASP C 103 27.08 39.57 -12.23
N LEU C 104 26.05 38.80 -11.91
CA LEU C 104 24.91 38.61 -12.81
C LEU C 104 23.62 39.00 -12.10
N GLU C 105 22.66 39.48 -12.89
CA GLU C 105 21.39 39.96 -12.36
C GLU C 105 20.24 39.12 -12.89
N ALA C 106 19.25 38.87 -12.05
CA ALA C 106 18.08 38.10 -12.46
C ALA C 106 16.88 38.43 -11.59
N LYS C 107 15.69 38.24 -12.15
CA LYS C 107 14.45 38.46 -11.42
C LYS C 107 14.14 37.28 -10.51
N ALA C 108 14.55 36.09 -10.95
CA ALA C 108 14.31 34.86 -10.18
C ALA C 108 15.51 33.93 -10.28
N VAL C 109 15.67 33.08 -9.27
CA VAL C 109 16.77 32.13 -9.21
C VAL C 109 16.25 30.75 -8.80
N ILE C 110 16.80 29.71 -9.44
CA ILE C 110 16.51 28.33 -9.07
C ILE C 110 17.81 27.63 -8.67
N ILE C 111 17.83 27.13 -7.44
CA ILE C 111 18.96 26.35 -6.94
C ILE C 111 18.76 24.88 -7.26
N ALA C 112 19.60 24.35 -8.14
CA ALA C 112 19.54 22.95 -8.53
C ALA C 112 20.93 22.34 -8.48
N THR C 113 21.60 22.55 -7.35
CA THR C 113 23.01 22.19 -7.21
C THR C 113 23.23 20.78 -6.70
N GLY C 114 22.14 20.07 -6.41
CA GLY C 114 22.23 18.68 -6.02
C GLY C 114 22.97 18.50 -4.71
N ALA C 115 23.49 17.30 -4.50
CA ALA C 115 24.22 16.97 -3.28
C ALA C 115 25.31 15.94 -3.59
N ASN C 116 26.28 15.85 -2.68
CA ASN C 116 27.37 14.89 -2.82
C ASN C 116 27.48 14.02 -1.58
N PRO C 117 27.94 12.78 -1.74
CA PRO C 117 28.21 11.97 -0.55
C PRO C 117 29.39 12.51 0.24
N LYS C 118 29.26 12.54 1.56
CA LYS C 118 30.37 12.97 2.40
C LYS C 118 31.49 11.96 2.28
N HIS C 119 32.73 12.45 2.25
CA HIS C 119 33.89 11.58 2.09
C HIS C 119 34.49 11.16 3.42
N LEU C 120 35.19 10.04 3.40
CA LEU C 120 35.91 9.55 4.57
C LEU C 120 37.13 10.42 4.82
N GLY C 121 37.76 10.86 3.73
CA GLY C 121 38.93 11.71 3.81
C GLY C 121 40.17 10.92 4.18
N VAL C 122 40.28 9.70 3.64
CA VAL C 122 41.43 8.83 3.91
C VAL C 122 42.15 8.48 2.61
N PRO C 123 43.45 8.13 2.72
CA PRO C 123 44.23 7.74 1.53
C PRO C 123 43.61 6.56 0.78
N GLY C 124 43.52 6.70 -0.55
CA GLY C 124 43.03 5.62 -1.39
C GLY C 124 41.56 5.75 -1.75
N GLU C 125 40.83 6.55 -0.99
CA GLU C 125 39.40 6.72 -1.24
C GLU C 125 39.18 7.34 -2.63
N LYS C 126 39.72 8.54 -2.83
CA LYS C 126 39.56 9.25 -4.10
C LYS C 126 40.27 8.52 -5.23
N GLU C 127 41.34 7.80 -4.88
CA GLU C 127 42.20 7.17 -5.88
C GLU C 127 41.63 5.86 -6.41
N LEU C 128 40.85 5.17 -5.58
CA LEU C 128 40.34 3.84 -5.91
C LEU C 128 38.84 3.90 -6.21
N ILE C 129 38.34 5.11 -6.43
CA ILE C 129 36.95 5.30 -6.82
C ILE C 129 36.69 4.63 -8.16
N SER C 130 35.56 3.94 -8.27
CA SER C 130 35.18 3.18 -9.46
C SER C 130 36.12 1.98 -9.67
N LYS C 131 36.99 1.74 -8.70
CA LYS C 131 37.93 0.62 -8.75
C LYS C 131 37.89 -0.16 -7.43
N GLY C 132 36.71 -0.17 -6.80
CA GLY C 132 36.51 -0.88 -5.54
C GLY C 132 35.85 0.00 -4.51
N VAL C 133 36.05 1.31 -4.61
CA VAL C 133 35.41 2.27 -3.72
C VAL C 133 34.14 2.81 -4.37
N SER C 134 33.05 2.84 -3.61
CA SER C 134 31.75 3.25 -4.13
C SER C 134 30.89 3.92 -3.07
N TYR C 135 29.85 4.61 -3.53
CA TYR C 135 28.88 5.26 -2.64
C TYR C 135 27.45 4.83 -3.00
N CYS C 136 27.33 3.86 -3.89
CA CYS C 136 26.04 3.27 -4.24
C CYS C 136 26.14 1.75 -4.28
N ALA C 137 25.52 1.10 -3.31
CA ALA C 137 25.57 -0.35 -3.18
C ALA C 137 24.67 -1.02 -4.21
N ILE C 138 23.57 -0.35 -4.56
CA ILE C 138 22.62 -0.91 -5.50
C ILE C 138 23.17 -0.89 -6.92
N CYS C 139 23.97 0.12 -7.23
CA CYS C 139 24.56 0.25 -8.56
C CYS C 139 25.61 -0.83 -8.82
N ASP C 140 26.34 -1.21 -7.76
CA ASP C 140 27.48 -2.11 -7.88
C ASP C 140 27.21 -3.48 -7.28
N GLY C 141 25.94 -3.81 -7.07
CA GLY C 141 25.57 -5.07 -6.46
C GLY C 141 26.18 -6.29 -7.14
N PRO C 142 25.86 -6.51 -8.41
CA PRO C 142 26.30 -7.69 -9.18
C PRO C 142 27.80 -7.89 -9.24
N PHE C 143 28.58 -6.81 -9.17
CA PHE C 143 30.03 -6.92 -9.28
C PHE C 143 30.64 -7.64 -8.08
N PHE C 144 30.00 -7.51 -6.92
CA PHE C 144 30.54 -8.05 -5.68
C PHE C 144 29.80 -9.31 -5.24
N ARG C 145 29.24 -10.03 -6.22
CA ARG C 145 28.61 -11.30 -5.93
C ARG C 145 29.68 -12.31 -5.50
N ASN C 146 29.45 -12.96 -4.37
CA ASN C 146 30.37 -13.96 -3.83
C ASN C 146 31.75 -13.38 -3.51
N LYS C 147 31.81 -12.08 -3.25
CA LYS C 147 33.05 -11.40 -2.86
C LYS C 147 32.96 -10.86 -1.44
N ILE C 148 34.10 -10.38 -0.93
CA ILE C 148 34.14 -9.76 0.40
C ILE C 148 34.02 -8.26 0.24
N VAL C 149 33.30 -7.63 1.18
CA VAL C 149 32.91 -6.24 1.06
C VAL C 149 32.87 -5.56 2.43
N ALA C 150 33.14 -4.25 2.45
CA ALA C 150 33.07 -3.46 3.68
C ALA C 150 32.15 -2.26 3.48
N VAL C 151 31.33 -2.00 4.50
CA VAL C 151 30.44 -0.84 4.52
C VAL C 151 30.79 0.03 5.71
N VAL C 152 31.05 1.31 5.45
CA VAL C 152 31.43 2.26 6.49
C VAL C 152 30.30 3.24 6.78
N GLY C 153 29.85 3.27 8.03
CA GLY C 153 28.75 4.11 8.44
C GLY C 153 27.93 3.45 9.53
N GLY C 154 26.96 4.18 10.08
CA GLY C 154 26.15 3.68 11.18
C GLY C 154 24.69 4.10 11.12
N GLY C 155 24.32 4.85 10.08
CA GLY C 155 22.94 5.30 9.93
C GLY C 155 22.13 4.29 9.13
N ASN C 156 20.86 4.61 8.90
CA ASN C 156 19.97 3.72 8.17
C ASN C 156 20.50 3.37 6.77
N SER C 157 21.21 4.31 6.15
CA SER C 157 21.74 4.11 4.81
C SER C 157 22.82 3.04 4.80
N ALA C 158 23.77 3.15 5.72
CA ALA C 158 24.87 2.20 5.81
C ALA C 158 24.35 0.81 6.14
N VAL C 159 23.42 0.74 7.07
CA VAL C 159 22.88 -0.53 7.55
C VAL C 159 21.97 -1.18 6.51
N THR C 160 21.16 -0.38 5.83
CA THR C 160 20.26 -0.88 4.80
C THR C 160 21.03 -1.51 3.65
N ASP C 161 22.12 -0.86 3.26
CA ASP C 161 22.91 -1.30 2.12
C ASP C 161 23.84 -2.45 2.51
N ALA C 162 24.18 -2.54 3.79
CA ALA C 162 24.94 -3.67 4.30
C ALA C 162 24.08 -4.93 4.24
N LEU C 163 22.80 -4.77 4.59
CA LEU C 163 21.84 -5.86 4.49
C LEU C 163 21.61 -6.23 3.02
N PHE C 164 21.54 -5.22 2.18
CA PHE C 164 21.41 -5.42 0.74
C PHE C 164 22.59 -6.21 0.17
N LEU C 165 23.80 -5.76 0.49
CA LEU C 165 25.00 -6.39 -0.02
C LEU C 165 25.18 -7.82 0.52
N SER C 166 24.63 -8.07 1.71
CA SER C 166 24.75 -9.40 2.31
C SER C 166 23.97 -10.44 1.51
N LYS C 167 23.00 -9.99 0.71
CA LYS C 167 22.20 -10.88 -0.11
C LYS C 167 22.98 -11.46 -1.28
N VAL C 168 24.11 -10.82 -1.60
CA VAL C 168 24.87 -11.16 -2.79
C VAL C 168 26.34 -11.42 -2.47
N ALA C 169 26.86 -10.73 -1.47
CA ALA C 169 28.27 -10.85 -1.09
C ALA C 169 28.51 -12.08 -0.22
N GLN C 170 29.74 -12.56 -0.24
CA GLN C 170 30.15 -13.67 0.63
C GLN C 170 30.12 -13.21 2.08
N LYS C 171 30.75 -12.08 2.34
CA LYS C 171 30.80 -11.51 3.68
C LYS C 171 30.78 -9.98 3.61
N VAL C 172 30.15 -9.35 4.60
CA VAL C 172 30.06 -7.91 4.68
C VAL C 172 30.56 -7.41 6.03
N TYR C 173 31.56 -6.53 6.00
CA TYR C 173 32.01 -5.86 7.21
C TYR C 173 31.32 -4.50 7.34
N LEU C 174 30.60 -4.32 8.43
CA LEU C 174 29.95 -3.04 8.72
C LEU C 174 30.75 -2.30 9.78
N VAL C 175 31.45 -1.24 9.36
CA VAL C 175 32.39 -0.53 10.23
C VAL C 175 31.82 0.84 10.64
N HIS C 176 31.83 1.10 11.95
CA HIS C 176 31.31 2.35 12.49
C HIS C 176 32.22 2.87 13.60
N ARG C 177 32.36 4.20 13.67
CA ARG C 177 33.31 4.83 14.58
C ARG C 177 32.79 4.97 16.01
N ARG C 178 31.48 4.82 16.19
CA ARG C 178 30.86 4.95 17.51
C ARG C 178 30.71 3.60 18.19
N ASP C 179 30.27 3.62 19.45
CA ASP C 179 30.13 2.40 20.24
C ASP C 179 28.79 1.72 19.98
N HIS C 180 27.92 2.41 19.24
CA HIS C 180 26.62 1.86 18.86
C HIS C 180 26.21 2.37 17.48
N LEU C 181 25.27 1.66 16.85
CA LEU C 181 24.75 2.08 15.55
C LEU C 181 23.63 3.09 15.75
N LYS C 182 23.53 4.04 14.83
CA LYS C 182 22.52 5.09 14.91
C LYS C 182 21.25 4.69 14.18
N ALA C 183 21.30 3.56 13.48
CA ALA C 183 20.16 3.09 12.71
C ALA C 183 19.02 2.63 13.61
N ALA C 184 17.85 2.43 13.01
CA ALA C 184 16.67 1.97 13.74
C ALA C 184 16.90 0.57 14.30
N ARG C 185 16.25 0.29 15.43
CA ARG C 185 16.40 -0.99 16.11
C ARG C 185 16.05 -2.15 15.19
N VAL C 186 15.00 -1.97 14.38
CA VAL C 186 14.54 -3.03 13.49
C VAL C 186 15.62 -3.45 12.50
N LEU C 187 16.39 -2.48 12.01
CA LEU C 187 17.47 -2.77 11.07
C LEU C 187 18.67 -3.39 11.80
N GLN C 188 18.94 -2.91 13.00
CA GLN C 188 20.04 -3.45 13.79
C GLN C 188 19.80 -4.93 14.10
N ASP C 189 18.53 -5.27 14.38
CA ASP C 189 18.17 -6.66 14.66
C ASP C 189 18.35 -7.56 13.44
N ARG C 190 18.02 -7.05 12.28
CA ARG C 190 18.26 -7.78 11.05
C ARG C 190 19.75 -8.02 10.81
N VAL C 191 20.57 -7.02 11.12
CA VAL C 191 22.01 -7.15 10.96
C VAL C 191 22.60 -8.21 11.89
N ASP C 192 22.10 -8.24 13.12
CA ASP C 192 22.48 -9.27 14.08
C ASP C 192 22.03 -10.63 13.57
N GLY C 193 20.86 -10.65 12.95
CA GLY C 193 20.31 -11.87 12.40
C GLY C 193 21.19 -12.47 11.32
N THR C 194 21.73 -11.64 10.43
CA THR C 194 22.41 -12.17 9.26
C THR C 194 23.72 -12.78 9.69
N PRO C 195 24.05 -13.97 9.20
CA PRO C 195 25.37 -14.52 9.58
C PRO C 195 26.55 -13.80 8.90
N ASN C 196 26.38 -13.48 7.62
CA ASN C 196 27.51 -13.08 6.79
C ASN C 196 27.82 -11.58 6.90
N ILE C 197 27.16 -10.91 7.84
CA ILE C 197 27.55 -9.54 8.20
C ILE C 197 28.32 -9.57 9.52
N GLU C 198 29.53 -9.02 9.51
CA GLU C 198 30.29 -8.82 10.75
C GLU C 198 30.31 -7.34 11.10
N LEU C 199 29.78 -7.02 12.28
CA LEU C 199 29.71 -5.65 12.76
C LEU C 199 30.95 -5.28 13.56
N ILE C 200 31.66 -4.26 13.10
CA ILE C 200 32.85 -3.75 13.78
C ILE C 200 32.60 -2.32 14.27
N LEU C 201 32.40 -2.17 15.57
CA LEU C 201 32.13 -0.88 16.18
C LEU C 201 33.41 -0.28 16.77
N ASN C 202 33.32 0.98 17.19
CA ASN C 202 34.46 1.70 17.74
C ASN C 202 35.68 1.64 16.83
N SER C 203 35.43 1.70 15.53
CA SER C 203 36.49 1.55 14.52
C SER C 203 36.40 2.63 13.44
N HIS C 204 37.54 3.23 13.11
CA HIS C 204 37.58 4.27 12.10
C HIS C 204 38.67 3.90 11.07
N VAL C 205 38.39 4.19 9.80
CA VAL C 205 39.27 3.79 8.72
C VAL C 205 40.48 4.71 8.59
N LEU C 206 41.66 4.10 8.49
CA LEU C 206 42.92 4.83 8.36
C LEU C 206 43.33 4.94 6.90
N GLU C 207 43.07 3.90 6.11
CA GLU C 207 43.42 3.92 4.70
C GLU C 207 42.79 2.77 3.92
N ILE C 208 42.50 3.02 2.65
CA ILE C 208 42.05 1.99 1.72
C ILE C 208 43.19 1.68 0.77
N VAL C 209 43.68 0.45 0.79
CA VAL C 209 44.84 0.06 0.00
C VAL C 209 44.44 -0.89 -1.13
N GLY C 210 45.02 -0.63 -2.30
CA GLY C 210 44.75 -1.42 -3.48
C GLY C 210 45.93 -2.30 -3.87
N THR C 211 45.74 -3.12 -4.89
CA THR C 211 46.77 -4.04 -5.35
C THR C 211 47.98 -3.27 -5.87
N GLU C 213 50.41 -3.90 -8.18
CA GLU C 213 50.13 -4.97 -9.14
C GLU C 213 48.79 -4.74 -9.84
N GLY C 214 48.85 -4.42 -11.13
CA GLY C 214 47.65 -4.19 -11.91
C GLY C 214 46.85 -5.45 -12.11
N ILE C 215 45.53 -5.33 -12.24
CA ILE C 215 44.82 -4.06 -12.23
C ILE C 215 44.75 -3.43 -10.84
N LYS C 216 44.72 -2.10 -10.80
CA LYS C 216 44.63 -1.38 -9.55
C LYS C 216 43.20 -1.39 -9.03
N LYS C 217 42.97 -2.17 -7.98
CA LYS C 217 41.65 -2.29 -7.38
C LYS C 217 41.80 -2.42 -5.88
N VAL C 218 40.71 -2.26 -5.14
CA VAL C 218 40.74 -2.40 -3.69
C VAL C 218 41.16 -3.83 -3.33
N GLU C 219 42.07 -3.93 -2.36
CA GLU C 219 42.58 -5.22 -1.91
C GLU C 219 42.36 -5.39 -0.41
N LYS C 220 42.58 -4.30 0.33
CA LYS C 220 42.46 -4.33 1.78
C LYS C 220 42.14 -2.94 2.33
N ILE C 221 41.73 -2.91 3.60
CA ILE C 221 41.53 -1.67 4.33
C ILE C 221 42.18 -1.77 5.70
N ILE C 222 42.78 -0.68 6.16
CA ILE C 222 43.40 -0.64 7.46
C ILE C 222 42.48 0.06 8.45
N LEU C 223 42.14 -0.64 9.52
CA LEU C 223 41.28 -0.12 10.57
C LEU C 223 42.08 0.20 11.82
N GLU C 224 41.53 1.07 12.66
CA GLU C 224 42.12 1.40 13.95
C GLU C 224 41.04 1.48 15.02
N ASP C 225 41.26 0.79 16.13
CA ASP C 225 40.34 0.88 17.25
C ASP C 225 40.44 2.26 17.86
N VAL C 226 39.29 2.91 18.02
CA VAL C 226 39.24 4.29 18.48
C VAL C 226 39.76 4.41 19.92
N ASN C 227 39.69 3.31 20.66
CA ASN C 227 40.08 3.30 22.08
C ASN C 227 41.47 2.75 22.35
N SER C 228 41.84 1.66 21.68
CA SER C 228 43.11 1.00 21.95
C SER C 228 44.19 1.40 20.96
N ARG C 229 43.82 2.11 19.90
CA ARG C 229 44.76 2.52 18.86
C ARG C 229 45.41 1.30 18.20
N GLU C 230 44.79 0.14 18.37
CA GLU C 230 45.25 -1.10 17.75
C GLU C 230 44.92 -1.11 16.27
N THR C 231 45.87 -1.56 15.45
CA THR C 231 45.66 -1.61 14.01
C THR C 231 45.06 -2.95 13.60
N ARG C 232 44.38 -2.95 12.45
CA ARG C 232 43.75 -4.15 11.95
C ARG C 232 43.65 -4.11 10.43
N GLU C 233 44.01 -5.20 9.78
CA GLU C 233 43.95 -5.27 8.32
C GLU C 233 42.85 -6.21 7.88
N LEU C 234 41.99 -5.73 6.97
CA LEU C 234 40.89 -6.54 6.45
C LEU C 234 40.99 -6.64 4.93
N SER C 235 41.04 -7.87 4.44
CA SER C 235 40.96 -8.11 3.00
C SER C 235 39.55 -7.84 2.49
N THR C 236 39.44 -6.96 1.50
CA THR C 236 38.15 -6.62 0.91
C THR C 236 38.29 -6.33 -0.58
N ASN C 237 37.25 -6.68 -1.33
CA ASN C 237 37.23 -6.43 -2.76
C ASN C 237 36.62 -5.06 -3.06
N GLY C 238 35.87 -4.53 -2.09
CA GLY C 238 35.22 -3.24 -2.25
C GLY C 238 34.92 -2.55 -0.93
N VAL C 239 34.79 -1.23 -1.00
CA VAL C 239 34.43 -0.42 0.17
C VAL C 239 33.29 0.53 -0.18
N PHE C 240 32.19 0.40 0.54
CA PHE C 240 31.02 1.27 0.34
C PHE C 240 30.91 2.24 1.50
N ILE C 241 30.83 3.54 1.19
CA ILE C 241 30.89 4.58 2.20
C ILE C 241 29.54 5.27 2.34
N TYR C 242 29.05 5.33 3.58
CA TYR C 242 27.77 5.95 3.90
C TYR C 242 27.87 6.69 5.23
N VAL C 243 28.46 7.88 5.18
CA VAL C 243 28.68 8.69 6.39
C VAL C 243 28.02 10.06 6.23
N GLY C 244 26.92 10.10 5.50
CA GLY C 244 26.11 11.31 5.36
C GLY C 244 26.16 11.90 3.97
N ILE C 245 25.24 12.81 3.70
CA ILE C 245 25.17 13.51 2.41
C ILE C 245 25.33 15.01 2.62
N HIS C 246 26.06 15.65 1.70
CA HIS C 246 26.34 17.08 1.77
C HIS C 246 25.65 17.84 0.65
N PRO C 247 24.63 18.65 0.98
CA PRO C 247 24.00 19.48 -0.05
C PRO C 247 24.84 20.70 -0.39
N ASN C 248 24.96 21.00 -1.69
CA ASN C 248 25.77 22.11 -2.16
C ASN C 248 25.01 23.43 -2.10
N THR C 249 24.83 23.95 -0.88
CA THR C 249 23.99 25.11 -0.64
C THR C 249 24.64 26.12 0.29
N GLU C 250 25.96 26.06 0.41
CA GLU C 250 26.67 26.96 1.33
C GLU C 250 26.63 28.40 0.83
N PHE C 251 26.41 28.58 -0.47
CA PHE C 251 26.46 29.90 -1.09
C PHE C 251 25.13 30.66 -1.04
N VAL C 252 24.06 30.01 -0.55
CA VAL C 252 22.76 30.66 -0.40
C VAL C 252 22.46 30.87 1.07
N ASP C 253 21.72 31.92 1.39
CA ASP C 253 21.43 32.28 2.78
C ASP C 253 19.94 32.13 3.08
N VAL C 254 19.26 31.27 2.32
CA VAL C 254 17.88 30.95 2.62
C VAL C 254 17.78 29.95 3.76
N GLU C 255 16.57 29.77 4.27
CA GLU C 255 16.32 28.88 5.40
C GLU C 255 16.58 27.41 5.02
N LYS C 256 17.30 26.70 5.88
CA LYS C 256 17.61 25.29 5.66
C LYS C 256 17.40 24.50 6.95
N ASP C 257 17.44 23.16 6.83
CA ASP C 257 17.38 22.30 8.00
C ASP C 257 18.79 21.98 8.50
N GLU C 258 18.85 21.25 9.61
CA GLU C 258 20.12 20.79 10.15
C GLU C 258 20.74 19.78 9.17
N GLY C 259 21.58 20.28 8.25
CA GLY C 259 22.20 19.44 7.24
C GLY C 259 22.47 20.18 5.95
N GLY C 260 21.90 21.37 5.82
CA GLY C 260 22.13 22.22 4.66
C GLY C 260 21.10 22.10 3.54
N PHE C 261 20.08 21.28 3.74
CA PHE C 261 19.04 21.13 2.72
C PHE C 261 18.04 22.28 2.78
N ILE C 262 17.77 22.88 1.62
CA ILE C 262 16.93 24.07 1.52
C ILE C 262 15.45 23.75 1.73
N LYS C 263 14.83 24.44 2.67
CA LYS C 263 13.41 24.28 2.93
C LYS C 263 12.59 25.05 1.90
N THR C 264 11.53 24.43 1.40
CA THR C 264 10.67 25.08 0.40
C THR C 264 9.21 24.71 0.62
N ASP C 265 8.31 25.40 -0.07
CA ASP C 265 6.89 25.03 -0.07
C ASP C 265 6.62 24.05 -1.20
N ARG C 266 5.35 23.75 -1.46
CA ARG C 266 4.99 22.80 -2.50
C ARG C 266 5.34 23.32 -3.90
N TRP C 267 5.61 24.61 -4.02
CA TRP C 267 5.98 25.23 -5.30
C TRP C 267 7.48 25.53 -5.35
N MET C 268 8.24 24.82 -4.53
CA MET C 268 9.71 24.89 -4.55
C MET C 268 10.24 26.26 -4.13
N GLU C 269 9.38 27.12 -3.58
CA GLU C 269 9.82 28.45 -3.18
C GLU C 269 10.51 28.41 -1.82
N THR C 270 11.69 29.02 -1.75
CA THR C 270 12.46 29.08 -0.51
C THR C 270 11.88 30.14 0.42
N SER C 271 12.60 30.45 1.49
CA SER C 271 12.15 31.46 2.45
C SER C 271 12.31 32.87 1.91
N GLU C 272 13.06 33.02 0.82
CA GLU C 272 13.24 34.30 0.17
C GLU C 272 12.47 34.32 -1.14
N LYS C 273 11.40 35.11 -1.17
CA LYS C 273 10.55 35.24 -2.36
C LYS C 273 11.38 35.51 -3.61
N GLY C 274 11.11 34.74 -4.66
CA GLY C 274 11.83 34.87 -5.92
C GLY C 274 12.94 33.84 -6.07
N ILE C 275 13.26 33.17 -4.97
CA ILE C 275 14.29 32.13 -4.97
C ILE C 275 13.67 30.76 -4.73
N TYR C 276 14.04 29.81 -5.59
CA TYR C 276 13.48 28.45 -5.53
C TYR C 276 14.59 27.41 -5.42
N ALA C 277 14.20 26.17 -5.12
CA ALA C 277 15.15 25.07 -5.00
C ALA C 277 14.55 23.77 -5.54
N ALA C 278 15.38 23.00 -6.24
CA ALA C 278 14.92 21.77 -6.87
C ALA C 278 16.02 20.71 -6.86
N GLY C 279 15.63 19.46 -6.65
CA GLY C 279 16.57 18.34 -6.65
C GLY C 279 17.05 17.96 -5.26
N ASP C 280 18.21 17.33 -5.20
CA ASP C 280 18.74 16.78 -3.95
C ASP C 280 19.14 17.85 -2.93
N CYS C 281 19.35 19.07 -3.40
CA CYS C 281 19.76 20.17 -2.52
C CYS C 281 18.62 20.65 -1.64
N ARG C 282 17.41 20.17 -1.93
CA ARG C 282 16.20 20.55 -1.22
C ARG C 282 15.84 19.65 -0.05
N ASP C 283 15.11 20.20 0.93
CA ASP C 283 14.68 19.46 2.11
C ASP C 283 13.43 18.60 1.93
N THR C 284 13.63 17.31 1.72
CA THR C 284 12.52 16.36 1.51
C THR C 284 12.54 15.29 2.60
N PRO C 285 11.38 14.69 2.87
CA PRO C 285 11.36 13.64 3.90
C PRO C 285 12.10 12.39 3.45
N ILE C 286 12.57 11.61 4.42
CA ILE C 286 13.37 10.42 4.15
C ILE C 286 12.72 9.46 3.15
N TRP C 287 11.55 8.92 3.49
CA TRP C 287 10.83 8.00 2.59
C TRP C 287 10.81 8.49 1.13
N GLN C 288 10.87 9.80 0.93
CA GLN C 288 10.82 10.38 -0.41
C GLN C 288 12.19 10.35 -1.07
N LEU C 289 12.24 9.79 -2.28
CA LEU C 289 13.48 9.68 -3.03
C LEU C 289 13.62 10.82 -4.03
N VAL C 290 14.43 10.61 -5.06
CA VAL C 290 14.70 11.63 -6.06
C VAL C 290 13.46 12.06 -6.84
N THR C 291 13.26 13.37 -6.94
CA THR C 291 12.19 13.96 -7.73
C THR C 291 12.71 15.24 -8.38
N ALA C 292 13.88 15.13 -9.01
CA ALA C 292 14.55 16.28 -9.61
C ALA C 292 13.75 16.90 -10.75
N VAL C 293 13.22 16.06 -11.64
CA VAL C 293 12.49 16.55 -12.80
C VAL C 293 11.19 17.25 -12.38
N ARG C 294 10.44 16.64 -11.46
CA ARG C 294 9.21 17.26 -10.97
C ARG C 294 9.53 18.59 -10.29
N ASP C 295 10.54 18.58 -9.44
CA ASP C 295 10.95 19.77 -8.73
C ASP C 295 11.39 20.85 -9.71
N GLY C 296 12.12 20.44 -10.75
CA GLY C 296 12.59 21.37 -11.75
C GLY C 296 11.45 21.95 -12.54
N ALA C 297 10.52 21.10 -12.96
CA ALA C 297 9.36 21.53 -13.72
C ALA C 297 8.55 22.55 -12.92
N ILE C 298 8.23 22.21 -11.68
CA ILE C 298 7.43 23.09 -10.83
C ILE C 298 8.13 24.41 -10.53
N ALA C 299 9.43 24.34 -10.28
CA ALA C 299 10.21 25.52 -9.96
C ALA C 299 10.17 26.53 -11.10
N ALA C 300 10.19 26.03 -12.33
CA ALA C 300 10.19 26.90 -13.50
C ALA C 300 8.87 27.63 -13.69
N THR C 301 7.75 26.97 -13.42
CA THR C 301 6.44 27.60 -13.63
C THR C 301 6.07 28.49 -12.46
N ALA C 302 6.56 28.14 -11.27
CA ALA C 302 6.36 28.99 -10.11
C ALA C 302 7.15 30.28 -10.30
N ALA C 303 8.34 30.15 -10.90
CA ALA C 303 9.16 31.32 -11.21
C ALA C 303 8.49 32.15 -12.30
N TYR C 304 7.92 31.47 -13.30
CA TYR C 304 7.20 32.15 -14.37
C TYR C 304 6.09 33.02 -13.81
N GLU C 305 5.29 32.44 -12.91
CA GLU C 305 4.20 33.17 -12.29
C GLU C 305 4.72 34.39 -11.55
N TYR C 306 5.87 34.22 -10.89
CA TYR C 306 6.49 35.29 -10.12
C TYR C 306 7.00 36.42 -11.02
N ILE C 307 7.63 36.05 -12.14
CA ILE C 307 8.20 37.03 -13.07
C ILE C 307 7.12 37.88 -13.76
N GLU C 308 6.10 37.22 -14.30
CA GLU C 308 5.02 37.91 -15.01
C GLU C 308 4.17 38.82 -14.11
N LYS C 309 4.46 38.83 -12.82
CA LYS C 309 3.78 39.67 -11.83
C LYS C 309 4.67 40.81 -11.34
N ILE C 310 5.89 40.91 -11.87
CA ILE C 310 6.85 41.93 -11.43
C ILE C 310 7.38 42.75 -12.61
N ALA D 5 -39.71 -34.20 8.56
CA ALA D 5 -38.66 -33.52 9.30
C ALA D 5 -37.47 -34.45 9.54
N TYR D 8 -35.60 -31.83 4.44
CA TYR D 8 -35.09 -30.50 4.71
C TYR D 8 -34.47 -29.87 3.48
N ASP D 9 -34.57 -28.53 3.39
CA ASP D 9 -33.98 -27.75 2.29
C ASP D 9 -32.46 -27.59 2.36
N LEU D 10 -31.95 -27.17 3.54
CA LEU D 10 -30.52 -27.02 3.76
C LEU D 10 -30.17 -27.28 5.21
N ILE D 11 -28.99 -27.82 5.46
CA ILE D 11 -28.54 -28.09 6.81
C ILE D 11 -27.23 -27.36 7.07
N ILE D 12 -27.19 -26.58 8.14
CA ILE D 12 -26.00 -25.85 8.49
C ILE D 12 -25.44 -26.43 9.77
N ILE D 13 -24.19 -26.89 9.72
CA ILE D 13 -23.57 -27.49 10.89
C ILE D 13 -22.64 -26.47 11.56
N GLY D 14 -23.10 -25.92 12.67
CA GLY D 14 -22.36 -24.91 13.40
C GLY D 14 -23.15 -23.63 13.54
N GLY D 15 -23.30 -23.16 14.77
CA GLY D 15 -24.08 -21.97 15.06
C GLY D 15 -23.20 -20.76 15.31
N GLY D 16 -22.05 -20.74 14.65
CA GLY D 16 -21.13 -19.62 14.75
C GLY D 16 -21.53 -18.48 13.83
N PRO D 17 -20.67 -17.48 13.70
CA PRO D 17 -20.91 -16.31 12.83
C PRO D 17 -21.21 -16.70 11.38
N ALA D 18 -20.43 -17.65 10.84
CA ALA D 18 -20.60 -18.10 9.48
C ALA D 18 -21.97 -18.76 9.29
N GLY D 19 -22.28 -19.70 10.16
CA GLY D 19 -23.52 -20.46 10.08
C GLY D 19 -24.75 -19.61 10.29
N LEU D 20 -24.70 -18.71 11.27
CA LEU D 20 -25.83 -17.84 11.55
C LEU D 20 -26.12 -16.93 10.36
N THR D 21 -25.06 -16.40 9.75
CA THR D 21 -25.22 -15.54 8.60
C THR D 21 -25.84 -16.33 7.45
N ALA D 22 -25.35 -17.55 7.27
CA ALA D 22 -25.86 -18.43 6.22
C ALA D 22 -27.33 -18.74 6.42
N GLY D 23 -27.72 -18.96 7.67
CA GLY D 23 -29.10 -19.24 7.99
C GLY D 23 -30.02 -18.09 7.68
N ILE D 24 -29.61 -16.88 8.01
CA ILE D 24 -30.43 -15.71 7.76
C ILE D 24 -30.63 -15.50 6.26
N TYR D 25 -29.55 -15.65 5.50
CA TYR D 25 -29.64 -15.49 4.05
C TYR D 25 -30.52 -16.57 3.44
N ALA D 26 -30.35 -17.78 3.94
CA ALA D 26 -31.10 -18.92 3.44
C ALA D 26 -32.59 -18.75 3.74
N VAL D 27 -32.90 -18.23 4.92
CA VAL D 27 -34.28 -17.97 5.29
C VAL D 27 -34.86 -16.88 4.39
N ARG D 28 -34.03 -15.87 4.11
CA ARG D 28 -34.43 -14.77 3.24
C ARG D 28 -34.59 -15.27 1.80
N TYR D 29 -33.92 -16.38 1.52
CA TYR D 29 -34.01 -17.04 0.23
C TYR D 29 -35.17 -18.04 0.22
N GLY D 30 -35.93 -18.08 1.31
CA GLY D 30 -37.07 -18.98 1.43
C GLY D 30 -36.81 -20.48 1.35
N LEU D 31 -35.77 -20.95 2.02
CA LEU D 31 -35.42 -22.36 2.02
C LEU D 31 -35.65 -23.03 3.39
N ASP D 32 -36.04 -24.30 3.39
CA ASP D 32 -36.23 -24.96 4.66
C ASP D 32 -34.82 -25.29 5.09
N THR D 33 -34.39 -24.66 6.18
CA THR D 33 -33.04 -24.87 6.68
C THR D 33 -33.02 -25.12 8.18
N LEU D 34 -32.15 -26.04 8.58
CA LEU D 34 -31.99 -26.39 9.97
C LEU D 34 -30.54 -26.18 10.37
N ILE D 35 -30.32 -25.56 11.51
CA ILE D 35 -28.96 -25.33 11.98
C ILE D 35 -28.64 -26.26 13.14
N LEU D 36 -27.56 -27.02 13.00
CA LEU D 36 -27.14 -27.94 14.05
C LEU D 36 -25.95 -27.34 14.80
N GLU D 37 -26.22 -26.84 16.00
CA GLU D 37 -25.18 -26.22 16.83
C GLU D 37 -24.95 -27.04 18.10
N ARG D 38 -23.77 -27.61 18.24
CA ARG D 38 -23.46 -28.44 19.41
C ARG D 38 -23.01 -27.57 20.59
N ARG D 70 -27.69 -14.46 17.91
CA ARG D 70 -28.57 -15.57 17.57
C ARG D 70 -30.03 -15.14 17.68
N THR D 71 -30.27 -14.05 18.41
CA THR D 71 -31.61 -13.53 18.59
C THR D 71 -32.20 -13.10 17.26
N HIS D 72 -31.38 -12.46 16.44
CA HIS D 72 -31.83 -12.00 15.13
C HIS D 72 -32.26 -13.17 14.27
N ALA D 73 -31.48 -14.25 14.33
CA ALA D 73 -31.80 -15.44 13.56
C ALA D 73 -33.17 -15.91 13.97
N GLN D 74 -33.39 -16.00 15.28
CA GLN D 74 -34.66 -16.42 15.83
C GLN D 74 -35.78 -15.51 15.34
N GLU D 75 -35.49 -14.20 15.31
CA GLU D 75 -36.44 -13.22 14.84
C GLU D 75 -36.67 -13.46 13.35
N VAL D 76 -35.58 -13.79 12.67
CA VAL D 76 -35.59 -14.09 11.24
C VAL D 76 -36.41 -15.34 10.97
N GLY D 77 -36.50 -16.22 11.97
CA GLY D 77 -37.23 -17.46 11.82
C GLY D 77 -36.37 -18.69 11.56
N VAL D 78 -35.05 -18.54 11.70
CA VAL D 78 -34.14 -19.65 11.48
C VAL D 78 -34.36 -20.73 12.54
N LYS D 79 -34.23 -22.00 12.13
CA LYS D 79 -34.43 -23.13 13.03
C LYS D 79 -33.09 -23.66 13.53
N THR D 80 -33.00 -23.86 14.84
CA THR D 80 -31.75 -24.33 15.46
C THR D 80 -32.01 -25.55 16.33
N THR D 81 -31.03 -26.45 16.37
CA THR D 81 -31.13 -27.67 17.15
C THR D 81 -29.80 -28.02 17.82
N ILE D 82 -29.81 -28.19 19.13
CA ILE D 82 -28.59 -28.57 19.81
C ILE D 82 -28.48 -30.07 19.59
N THR D 83 -27.47 -30.47 18.83
CA THR D 83 -27.25 -31.87 18.50
C THR D 83 -25.81 -32.11 18.08
N GLU D 84 -25.42 -33.38 18.01
CA GLU D 84 -24.06 -33.73 17.61
C GLU D 84 -24.07 -34.46 16.28
N VAL D 85 -23.22 -34.08 15.33
CA VAL D 85 -23.24 -34.79 14.04
C VAL D 85 -22.05 -35.72 13.83
N LEU D 86 -22.33 -37.02 13.78
CA LEU D 86 -21.29 -38.02 13.57
C LEU D 86 -20.65 -38.04 12.18
N SER D 87 -21.46 -37.95 11.13
CA SER D 87 -20.93 -37.98 9.76
C SER D 87 -21.93 -37.49 8.70
N VAL D 88 -21.42 -37.14 7.53
CA VAL D 88 -22.24 -36.70 6.41
C VAL D 88 -21.90 -37.48 5.15
N ARG D 89 -22.89 -38.05 4.49
CA ARG D 89 -22.68 -38.82 3.27
C ARG D 89 -23.57 -38.34 2.13
N SER D 90 -23.12 -38.59 0.90
CA SER D 90 -23.86 -38.22 -0.30
C SER D 90 -24.50 -39.46 -0.91
N GLU D 91 -25.74 -39.31 -1.36
CA GLU D 91 -26.48 -40.41 -1.98
C GLU D 91 -27.22 -39.90 -3.21
N GLY D 92 -26.49 -39.73 -4.30
CA GLY D 92 -27.05 -39.17 -5.52
C GLY D 92 -27.34 -37.70 -5.32
N THR D 93 -28.61 -37.34 -5.38
CA THR D 93 -29.03 -35.95 -5.20
C THR D 93 -29.33 -35.65 -3.73
N LYS D 94 -29.25 -36.68 -2.89
CA LYS D 94 -29.57 -36.56 -1.46
C LYS D 94 -28.34 -36.61 -0.55
N LYS D 95 -28.37 -35.77 0.50
CA LYS D 95 -27.34 -35.73 1.52
C LYS D 95 -27.87 -36.25 2.85
N ILE D 96 -27.20 -37.26 3.40
CA ILE D 96 -27.63 -37.83 4.67
C ILE D 96 -26.68 -37.43 5.79
N ILE D 97 -27.24 -36.88 6.85
CA ILE D 97 -26.46 -36.45 8.00
C ILE D 97 -26.79 -37.32 9.19
N THR D 98 -25.76 -37.84 9.84
CA THR D 98 -25.95 -38.71 11.00
C THR D 98 -25.72 -37.95 12.29
N THR D 99 -26.72 -38.01 13.17
CA THR D 99 -26.66 -37.35 14.45
C THR D 99 -27.02 -38.37 15.52
N ASP D 100 -26.63 -38.08 16.76
CA ASP D 100 -26.93 -38.99 17.85
C ASP D 100 -28.44 -39.13 17.98
N SER D 101 -29.16 -38.03 17.83
CA SER D 101 -30.61 -38.06 17.92
C SER D 101 -31.23 -38.92 16.81
N GLY D 102 -30.69 -38.80 15.60
CA GLY D 102 -31.20 -39.57 14.48
C GLY D 102 -30.65 -39.13 13.14
N ASP D 103 -31.16 -39.71 12.06
CA ASP D 103 -30.74 -39.37 10.71
C ASP D 103 -31.55 -38.18 10.19
N LEU D 104 -30.88 -37.26 9.52
CA LEU D 104 -31.53 -36.05 9.00
C LEU D 104 -31.29 -35.95 7.50
N GLU D 105 -32.25 -35.34 6.79
CA GLU D 105 -32.19 -35.24 5.34
C GLU D 105 -32.10 -33.79 4.87
N ALA D 106 -31.32 -33.56 3.82
CA ALA D 106 -31.17 -32.22 3.26
C ALA D 106 -30.71 -32.27 1.80
N LYS D 107 -31.03 -31.23 1.05
CA LYS D 107 -30.60 -31.11 -0.34
C LYS D 107 -29.17 -30.59 -0.42
N ALA D 108 -28.81 -29.74 0.53
CA ALA D 108 -27.46 -29.14 0.58
C ALA D 108 -27.00 -29.01 2.04
N VAL D 109 -25.68 -28.95 2.22
CA VAL D 109 -25.10 -28.81 3.55
C VAL D 109 -24.00 -27.75 3.59
N ILE D 110 -23.97 -26.98 4.67
CA ILE D 110 -22.91 -25.99 4.90
C ILE D 110 -22.18 -26.32 6.20
N ILE D 111 -20.87 -26.52 6.10
CA ILE D 111 -20.04 -26.76 7.28
C ILE D 111 -19.52 -25.43 7.82
N ALA D 112 -20.00 -25.06 9.01
CA ALA D 112 -19.58 -23.83 9.66
C ALA D 112 -19.21 -24.11 11.12
N THR D 113 -18.43 -25.17 11.31
CA THR D 113 -18.01 -25.63 12.63
C THR D 113 -16.95 -24.79 13.31
N GLY D 114 -16.31 -23.92 12.55
CA GLY D 114 -15.24 -23.09 13.10
C GLY D 114 -14.00 -23.89 13.44
N ALA D 115 -13.19 -23.34 14.34
CA ALA D 115 -11.96 -23.99 14.76
C ALA D 115 -11.68 -23.64 16.22
N ASN D 116 -10.80 -24.40 16.87
CA ASN D 116 -10.46 -24.11 18.26
C ASN D 116 -8.97 -24.15 18.48
N PRO D 117 -8.46 -23.30 19.37
CA PRO D 117 -7.02 -23.35 19.64
C PRO D 117 -6.66 -24.69 20.25
N LYS D 118 -5.55 -25.27 19.83
CA LYS D 118 -5.10 -26.53 20.41
C LYS D 118 -4.74 -26.29 21.88
N HIS D 119 -5.08 -27.24 22.73
CA HIS D 119 -4.83 -27.10 24.15
C HIS D 119 -3.50 -27.71 24.55
N LEU D 120 -2.97 -27.22 25.66
CA LEU D 120 -1.74 -27.75 26.23
C LEU D 120 -2.02 -29.12 26.86
N GLY D 121 -3.21 -29.25 27.45
CA GLY D 121 -3.64 -30.49 28.06
C GLY D 121 -3.00 -30.74 29.42
N VAL D 122 -2.86 -29.67 30.20
CA VAL D 122 -2.27 -29.74 31.54
C VAL D 122 -3.22 -29.19 32.59
N PRO D 123 -3.05 -29.62 33.85
CA PRO D 123 -3.89 -29.11 34.95
C PRO D 123 -3.85 -27.59 35.07
N GLY D 124 -5.03 -26.99 35.22
CA GLY D 124 -5.14 -25.56 35.45
C GLY D 124 -5.44 -24.76 34.20
N GLU D 125 -5.22 -25.36 33.03
CA GLU D 125 -5.49 -24.67 31.78
C GLU D 125 -6.98 -24.35 31.66
N LYS D 126 -7.81 -25.39 31.70
CA LYS D 126 -9.25 -25.24 31.59
C LYS D 126 -9.85 -24.48 32.77
N GLU D 127 -9.24 -24.62 33.95
CA GLU D 127 -9.80 -24.08 35.18
C GLU D 127 -9.56 -22.59 35.33
N LEU D 128 -8.46 -22.11 34.73
CA LEU D 128 -8.06 -20.72 34.89
C LEU D 128 -8.26 -19.92 33.60
N ILE D 129 -9.07 -20.45 32.68
CA ILE D 129 -9.42 -19.71 31.48
C ILE D 129 -10.18 -18.44 31.86
N SER D 130 -9.82 -17.34 31.22
CA SER D 130 -10.38 -16.02 31.53
C SER D 130 -9.99 -15.57 32.94
N LYS D 131 -9.10 -16.32 33.57
CA LYS D 131 -8.60 -15.99 34.91
C LYS D 131 -7.08 -16.05 34.93
N GLY D 132 -6.47 -15.71 33.78
CA GLY D 132 -5.03 -15.67 33.64
C GLY D 132 -4.56 -16.47 32.46
N VAL D 133 -5.32 -17.52 32.11
CA VAL D 133 -5.04 -18.32 30.94
C VAL D 133 -5.86 -17.80 29.77
N SER D 134 -5.21 -17.63 28.62
CA SER D 134 -5.85 -17.05 27.46
C SER D 134 -5.28 -17.61 26.16
N TYR D 135 -6.01 -17.40 25.07
CA TYR D 135 -5.58 -17.79 23.74
C TYR D 135 -5.64 -16.57 22.82
N CYS D 136 -5.90 -15.39 23.40
CA CYS D 136 -5.89 -14.14 22.64
C CYS D 136 -5.16 -13.05 23.41
N ALA D 137 -3.96 -12.71 22.94
CA ALA D 137 -3.14 -11.70 23.61
C ALA D 137 -3.62 -10.27 23.32
N ILE D 138 -4.17 -10.06 22.14
CA ILE D 138 -4.63 -8.73 21.74
C ILE D 138 -5.90 -8.36 22.50
N CYS D 139 -6.72 -9.35 22.83
CA CYS D 139 -7.95 -9.12 23.59
C CYS D 139 -7.64 -8.68 25.02
N ASP D 140 -6.52 -9.18 25.56
CA ASP D 140 -6.20 -9.02 26.97
C ASP D 140 -5.05 -8.06 27.25
N GLY D 141 -4.73 -7.21 26.29
CA GLY D 141 -3.61 -6.28 26.43
C GLY D 141 -3.64 -5.47 27.71
N PRO D 142 -4.68 -4.63 27.89
CA PRO D 142 -4.78 -3.75 29.05
C PRO D 142 -4.76 -4.49 30.39
N PHE D 143 -5.25 -5.72 30.41
CA PHE D 143 -5.35 -6.47 31.66
C PHE D 143 -3.97 -6.82 32.21
N PHE D 144 -3.00 -6.98 31.31
CA PHE D 144 -1.65 -7.40 31.68
C PHE D 144 -0.63 -6.26 31.59
N ARG D 145 -1.10 -5.03 31.78
CA ARG D 145 -0.21 -3.88 31.84
C ARG D 145 0.69 -3.96 33.08
N ASN D 146 2.00 -3.87 32.86
CA ASN D 146 2.98 -3.93 33.95
C ASN D 146 2.95 -5.23 34.76
N LYS D 147 2.51 -6.32 34.14
CA LYS D 147 2.48 -7.62 34.82
C LYS D 147 3.46 -8.58 34.17
N ILE D 148 3.67 -9.73 34.81
CA ILE D 148 4.53 -10.77 34.27
C ILE D 148 3.64 -11.75 33.52
N VAL D 149 4.12 -12.22 32.38
CA VAL D 149 3.29 -13.01 31.47
C VAL D 149 4.13 -14.07 30.76
N ALA D 150 3.48 -15.18 30.41
CA ALA D 150 4.15 -16.25 29.69
C ALA D 150 3.41 -16.59 28.41
N VAL D 151 4.16 -16.81 27.33
CA VAL D 151 3.61 -17.22 26.05
C VAL D 151 4.18 -18.58 25.68
N VAL D 152 3.30 -19.53 25.38
CA VAL D 152 3.70 -20.89 25.03
C VAL D 152 3.49 -21.14 23.54
N GLY D 153 4.59 -21.46 22.87
CA GLY D 153 4.58 -21.69 21.43
C GLY D 153 5.87 -21.22 20.81
N GLY D 154 6.04 -21.50 19.51
CA GLY D 154 7.27 -21.15 18.82
C GLY D 154 7.04 -20.70 17.38
N GLY D 155 5.78 -20.68 16.96
CA GLY D 155 5.44 -20.26 15.61
C GLY D 155 5.20 -18.77 15.53
N ASN D 156 4.84 -18.30 14.34
CA ASN D 156 4.60 -16.88 14.12
C ASN D 156 3.56 -16.28 15.07
N SER D 157 2.56 -17.07 15.45
CA SER D 157 1.50 -16.60 16.32
C SER D 157 2.02 -16.30 17.72
N ALA D 158 2.77 -17.25 18.27
CA ALA D 158 3.32 -17.10 19.61
C ALA D 158 4.30 -15.94 19.69
N VAL D 159 5.14 -15.82 18.67
CA VAL D 159 6.19 -14.80 18.66
C VAL D 159 5.61 -13.41 18.44
N THR D 160 4.62 -13.31 17.56
CA THR D 160 3.99 -12.02 17.28
C THR D 160 3.33 -11.47 18.53
N ASP D 161 2.66 -12.35 19.28
CA ASP D 161 1.90 -11.94 20.45
C ASP D 161 2.81 -11.73 21.67
N ALA D 162 3.96 -12.39 21.68
CA ALA D 162 4.96 -12.13 22.71
C ALA D 162 5.53 -10.73 22.51
N LEU D 163 5.75 -10.37 21.25
CA LEU D 163 6.21 -9.03 20.91
C LEU D 163 5.12 -8.01 21.25
N PHE D 164 3.88 -8.38 20.96
CA PHE D 164 2.75 -7.53 21.32
C PHE D 164 2.68 -7.27 22.81
N LEU D 165 2.70 -8.34 23.60
CA LEU D 165 2.59 -8.24 25.04
C LEU D 165 3.78 -7.54 25.68
N SER D 166 4.94 -7.59 25.02
CA SER D 166 6.13 -6.94 25.55
C SER D 166 5.96 -5.41 25.54
N LYS D 167 5.01 -4.92 24.74
CA LYS D 167 4.76 -3.49 24.66
C LYS D 167 4.06 -2.95 25.91
N VAL D 168 3.44 -3.83 26.68
CA VAL D 168 2.66 -3.41 27.85
C VAL D 168 3.05 -4.17 29.13
N ALA D 169 3.48 -5.41 28.97
CA ALA D 169 3.83 -6.23 30.13
C ALA D 169 5.22 -5.87 30.64
N GLN D 170 5.46 -6.11 31.92
CA GLN D 170 6.77 -5.85 32.49
C GLN D 170 7.78 -6.83 31.89
N LYS D 171 7.43 -8.10 31.88
CA LYS D 171 8.29 -9.13 31.32
C LYS D 171 7.46 -10.22 30.63
N VAL D 172 8.03 -10.79 29.56
CA VAL D 172 7.36 -11.84 28.80
C VAL D 172 8.28 -13.05 28.68
N TYR D 173 7.79 -14.19 29.15
CA TYR D 173 8.47 -15.46 28.94
C TYR D 173 7.90 -16.14 27.71
N LEU D 174 8.77 -16.43 26.76
CA LEU D 174 8.37 -17.17 25.56
C LEU D 174 8.87 -18.61 25.69
N VAL D 175 7.95 -19.54 25.93
CA VAL D 175 8.29 -20.92 26.24
C VAL D 175 7.99 -21.83 25.05
N HIS D 176 8.99 -22.59 24.62
CA HIS D 176 8.86 -23.51 23.49
C HIS D 176 9.59 -24.82 23.77
N ARG D 177 9.03 -25.94 23.33
CA ARG D 177 9.58 -27.26 23.68
C ARG D 177 10.75 -27.68 22.79
N ARG D 178 10.95 -26.99 21.67
CA ARG D 178 12.00 -27.35 20.73
C ARG D 178 13.29 -26.57 21.00
N ASP D 179 14.35 -26.92 20.28
CA ASP D 179 15.66 -26.30 20.49
C ASP D 179 15.80 -24.98 19.74
N HIS D 180 14.86 -24.69 18.84
CA HIS D 180 14.82 -23.40 18.14
C HIS D 180 13.38 -23.00 17.85
N LEU D 181 13.20 -21.72 17.52
CA LEU D 181 11.89 -21.20 17.13
C LEU D 181 11.67 -21.47 15.64
N LYS D 182 10.42 -21.77 15.28
CA LYS D 182 10.08 -22.06 13.89
C LYS D 182 9.56 -20.82 13.16
N ALA D 183 9.39 -19.73 13.89
CA ALA D 183 8.85 -18.50 13.33
C ALA D 183 9.81 -17.88 12.32
N ALA D 184 9.33 -16.89 11.57
CA ALA D 184 10.15 -16.22 10.56
C ALA D 184 11.36 -15.54 11.19
N ARG D 185 12.46 -15.49 10.43
CA ARG D 185 13.71 -14.93 10.91
C ARG D 185 13.56 -13.48 11.39
N VAL D 186 12.80 -12.69 10.66
CA VAL D 186 12.62 -11.29 11.00
C VAL D 186 11.99 -11.15 12.38
N LEU D 187 11.07 -12.07 12.70
CA LEU D 187 10.39 -12.03 14.00
C LEU D 187 11.32 -12.51 15.10
N GLN D 188 12.13 -13.53 14.80
CA GLN D 188 13.10 -14.03 15.76
C GLN D 188 14.11 -12.92 16.06
N ASP D 189 14.46 -12.17 15.03
CA ASP D 189 15.40 -11.05 15.19
C ASP D 189 14.79 -9.98 16.10
N ARG D 190 13.49 -9.75 15.96
CA ARG D 190 12.83 -8.78 16.82
C ARG D 190 12.83 -9.24 18.27
N VAL D 191 12.60 -10.52 18.50
CA VAL D 191 12.58 -11.07 19.85
C VAL D 191 13.93 -10.92 20.56
N ASP D 192 15.02 -10.86 19.79
CA ASP D 192 16.35 -10.70 20.40
C ASP D 192 16.78 -9.25 20.25
N GLY D 193 15.80 -8.36 20.40
CA GLY D 193 16.03 -6.93 20.41
C GLY D 193 15.19 -6.24 21.47
N THR D 194 14.18 -6.96 21.98
CA THR D 194 13.28 -6.45 23.00
C THR D 194 13.68 -7.10 24.35
N PRO D 195 14.47 -6.39 25.16
CA PRO D 195 15.08 -6.98 26.36
C PRO D 195 14.08 -7.57 27.37
N ASN D 196 12.83 -7.13 27.37
CA ASN D 196 11.87 -7.62 28.36
C ASN D 196 11.17 -8.92 27.92
N ILE D 197 11.65 -9.50 26.81
CA ILE D 197 11.26 -10.86 26.43
C ILE D 197 12.40 -11.82 26.77
N GLU D 198 12.12 -12.84 27.57
CA GLU D 198 13.07 -13.90 27.84
C GLU D 198 12.66 -15.19 27.14
N LEU D 199 13.55 -15.71 26.31
CA LEU D 199 13.29 -16.92 25.54
C LEU D 199 13.71 -18.16 26.31
N ILE D 200 12.75 -19.06 26.56
CA ILE D 200 13.02 -20.33 27.23
C ILE D 200 12.72 -21.48 26.27
N LEU D 201 13.78 -22.10 25.76
CA LEU D 201 13.63 -23.21 24.81
C LEU D 201 13.77 -24.56 25.51
N ASN D 202 13.47 -25.62 24.76
CA ASN D 202 13.51 -26.99 25.27
C ASN D 202 12.73 -27.15 26.56
N SER D 203 11.60 -26.45 26.65
CA SER D 203 10.81 -26.42 27.87
C SER D 203 9.32 -26.61 27.58
N HIS D 204 8.67 -27.48 28.35
CA HIS D 204 7.24 -27.75 28.20
C HIS D 204 6.55 -27.62 29.56
N VAL D 205 5.32 -27.11 29.55
CA VAL D 205 4.56 -26.84 30.76
C VAL D 205 3.95 -28.11 31.36
N LEU D 206 4.12 -28.27 32.66
CA LEU D 206 3.59 -29.42 33.38
C LEU D 206 2.23 -29.10 33.99
N GLU D 207 2.07 -27.87 34.46
CA GLU D 207 0.82 -27.42 35.06
C GLU D 207 0.81 -25.91 35.25
N ILE D 208 -0.39 -25.34 35.20
CA ILE D 208 -0.62 -23.93 35.49
C ILE D 208 -1.30 -23.83 36.86
N VAL D 209 -0.65 -23.13 37.78
CA VAL D 209 -1.12 -23.08 39.17
C VAL D 209 -1.70 -21.72 39.50
N GLY D 210 -2.84 -21.74 40.18
CA GLY D 210 -3.55 -20.53 40.56
C GLY D 210 -3.46 -20.25 42.05
N THR D 211 -3.98 -19.10 42.45
CA THR D 211 -3.96 -18.67 43.85
C THR D 211 -4.79 -19.61 44.72
N ARG D 212 -4.32 -19.84 45.95
CA ARG D 212 -5.04 -20.68 46.91
C ARG D 212 -6.00 -19.83 47.74
N ILE D 215 -8.79 -13.82 45.06
CA ILE D 215 -9.38 -13.94 43.74
C ILE D 215 -8.65 -15.00 42.93
N LYS D 216 -9.42 -15.89 42.30
CA LYS D 216 -8.85 -17.00 41.54
C LYS D 216 -8.15 -16.48 40.28
N LYS D 217 -6.82 -16.51 40.29
CA LYS D 217 -6.06 -16.11 39.12
C LYS D 217 -4.79 -16.95 38.99
N VAL D 218 -4.16 -16.89 37.83
CA VAL D 218 -2.89 -17.57 37.63
C VAL D 218 -1.82 -16.95 38.53
N GLU D 219 -0.99 -17.79 39.15
CA GLU D 219 0.05 -17.32 40.05
C GLU D 219 1.43 -17.79 39.58
N LYS D 220 1.51 -19.03 39.12
CA LYS D 220 2.77 -19.59 38.64
C LYS D 220 2.53 -20.74 37.68
N ILE D 221 3.60 -21.13 36.99
CA ILE D 221 3.58 -22.28 36.10
C ILE D 221 4.81 -23.17 36.36
N ILE D 222 4.61 -24.48 36.27
CA ILE D 222 5.70 -25.42 36.43
C ILE D 222 6.20 -25.83 35.06
N LEU D 223 7.49 -25.62 34.83
CA LEU D 223 8.13 -25.99 33.57
C LEU D 223 9.01 -27.22 33.75
N GLU D 224 9.29 -27.91 32.66
CA GLU D 224 10.22 -29.04 32.66
C GLU D 224 11.11 -28.97 31.44
N ASP D 225 12.40 -29.09 31.66
CA ASP D 225 13.35 -29.17 30.56
C ASP D 225 13.18 -30.50 29.85
N VAL D 226 13.00 -30.47 28.54
CA VAL D 226 12.70 -31.67 27.76
C VAL D 226 13.88 -32.65 27.77
N ASN D 227 15.09 -32.13 27.95
CA ASN D 227 16.30 -32.95 27.94
C ASN D 227 16.80 -33.47 29.29
N SER D 228 16.74 -32.64 30.32
CA SER D 228 17.23 -33.02 31.65
C SER D 228 16.09 -33.39 32.61
N ARG D 229 14.86 -33.10 32.19
CA ARG D 229 13.67 -33.37 33.00
C ARG D 229 13.70 -32.62 34.34
N GLU D 230 14.55 -31.60 34.43
CA GLU D 230 14.58 -30.75 35.61
C GLU D 230 13.37 -29.82 35.59
N THR D 231 12.71 -29.69 36.73
CA THR D 231 11.53 -28.82 36.83
C THR D 231 11.89 -27.49 37.47
N ARG D 232 11.12 -26.45 37.13
CA ARG D 232 11.35 -25.11 37.68
C ARG D 232 10.06 -24.30 37.70
N GLU D 233 9.88 -23.54 38.78
CA GLU D 233 8.71 -22.68 38.94
C GLU D 233 8.95 -21.28 38.38
N LEU D 234 7.96 -20.78 37.65
CA LEU D 234 7.94 -19.39 37.17
C LEU D 234 6.72 -18.69 37.68
N SER D 235 6.92 -17.60 38.41
CA SER D 235 5.83 -16.72 38.80
C SER D 235 5.36 -15.94 37.57
N THR D 236 4.09 -16.07 37.25
CA THR D 236 3.50 -15.35 36.13
C THR D 236 2.05 -14.99 36.44
N ASN D 237 1.60 -13.85 35.92
CA ASN D 237 0.23 -13.41 36.13
C ASN D 237 -0.70 -13.96 35.07
N GLY D 238 -0.13 -14.41 33.96
CA GLY D 238 -0.92 -14.95 32.88
C GLY D 238 -0.15 -15.91 31.99
N VAL D 239 -0.90 -16.77 31.30
CA VAL D 239 -0.34 -17.73 30.37
C VAL D 239 -1.10 -17.65 29.06
N PHE D 240 -0.39 -17.33 27.98
CA PHE D 240 -0.99 -17.26 26.65
C PHE D 240 -0.51 -18.44 25.82
N ILE D 241 -1.46 -19.17 25.24
CA ILE D 241 -1.15 -20.43 24.57
C ILE D 241 -1.33 -20.33 23.07
N TYR D 242 -0.27 -20.67 22.34
CA TYR D 242 -0.29 -20.64 20.87
C TYR D 242 0.48 -21.83 20.31
N VAL D 243 -0.18 -23.00 20.30
CA VAL D 243 0.45 -24.22 19.84
C VAL D 243 -0.35 -24.85 18.72
N GLY D 244 -0.98 -24.00 17.90
CA GLY D 244 -1.68 -24.43 16.71
C GLY D 244 -3.18 -24.26 16.83
N ILE D 245 -3.87 -24.35 15.70
CA ILE D 245 -5.32 -24.25 15.65
C ILE D 245 -5.89 -25.55 15.10
N HIS D 246 -7.01 -25.97 15.69
CA HIS D 246 -7.66 -27.21 15.31
C HIS D 246 -9.04 -26.98 14.69
N PRO D 247 -9.16 -27.23 13.40
CA PRO D 247 -10.45 -27.07 12.72
C PRO D 247 -11.36 -28.24 13.07
N ASN D 248 -12.64 -27.98 13.32
CA ASN D 248 -13.57 -29.07 13.65
C ASN D 248 -14.07 -29.69 12.36
N THR D 249 -13.20 -30.44 11.70
CA THR D 249 -13.54 -31.07 10.43
C THR D 249 -13.51 -32.61 10.41
N GLU D 250 -13.38 -33.25 11.56
CA GLU D 250 -13.00 -34.67 11.57
C GLU D 250 -14.09 -35.55 10.99
N PHE D 251 -15.33 -35.07 11.06
CA PHE D 251 -16.49 -35.87 10.70
C PHE D 251 -16.82 -35.84 9.20
N VAL D 252 -16.14 -34.98 8.45
CA VAL D 252 -16.32 -34.90 7.01
C VAL D 252 -15.08 -35.39 6.28
N ASP D 253 -15.27 -35.99 5.10
CA ASP D 253 -14.19 -36.60 4.34
C ASP D 253 -13.95 -35.86 3.02
N VAL D 254 -14.27 -34.57 2.99
CA VAL D 254 -13.99 -33.75 1.83
C VAL D 254 -12.50 -33.44 1.81
N GLU D 255 -12.03 -32.88 0.69
CA GLU D 255 -10.62 -32.57 0.55
C GLU D 255 -10.19 -31.48 1.53
N LYS D 256 -9.08 -31.72 2.21
CA LYS D 256 -8.55 -30.76 3.17
C LYS D 256 -7.05 -30.62 3.04
N ASP D 257 -6.50 -29.62 3.72
CA ASP D 257 -5.06 -29.45 3.82
C ASP D 257 -4.55 -30.24 5.01
N GLU D 258 -3.24 -30.20 5.24
CA GLU D 258 -2.64 -30.95 6.33
C GLU D 258 -3.16 -30.51 7.69
N GLY D 259 -3.65 -29.27 7.77
CA GLY D 259 -4.17 -28.73 9.02
C GLY D 259 -5.59 -29.15 9.32
N GLY D 260 -6.26 -29.76 8.34
CA GLY D 260 -7.63 -30.22 8.51
C GLY D 260 -8.67 -29.22 8.03
N PHE D 261 -8.21 -28.11 7.47
CA PHE D 261 -9.10 -27.07 6.97
C PHE D 261 -9.70 -27.42 5.62
N ILE D 262 -11.01 -27.26 5.50
CA ILE D 262 -11.72 -27.60 4.28
C ILE D 262 -11.37 -26.68 3.11
N LYS D 263 -10.99 -27.28 2.00
CA LYS D 263 -10.64 -26.53 0.79
C LYS D 263 -11.91 -26.22 0.01
N THR D 264 -12.03 -25.00 -0.48
CA THR D 264 -13.21 -24.61 -1.23
C THR D 264 -12.84 -23.73 -2.42
N ASP D 265 -13.82 -23.51 -3.30
CA ASP D 265 -13.65 -22.58 -4.41
C ASP D 265 -14.09 -21.21 -3.94
N ARG D 266 -14.17 -20.26 -4.86
CA ARG D 266 -14.58 -18.91 -4.50
C ARG D 266 -16.03 -18.87 -4.02
N TRP D 267 -16.79 -19.92 -4.33
CA TRP D 267 -18.20 -19.99 -3.95
C TRP D 267 -18.43 -20.95 -2.78
N MET D 268 -17.40 -21.19 -1.98
CA MET D 268 -17.50 -21.98 -0.76
C MET D 268 -17.84 -23.45 -0.99
N GLU D 269 -17.78 -23.91 -2.24
CA GLU D 269 -18.06 -25.32 -2.54
C GLU D 269 -16.85 -26.19 -2.28
N THR D 270 -17.09 -27.27 -1.54
CA THR D 270 -16.06 -28.23 -1.19
C THR D 270 -15.75 -29.12 -2.38
N SER D 271 -15.00 -30.20 -2.15
CA SER D 271 -14.66 -31.13 -3.22
C SER D 271 -15.86 -32.01 -3.57
N GLU D 272 -16.88 -31.99 -2.70
CA GLU D 272 -18.12 -32.71 -2.93
C GLU D 272 -19.24 -31.72 -3.24
N LYS D 273 -19.66 -31.68 -4.50
CA LYS D 273 -20.73 -30.80 -4.96
C LYS D 273 -21.99 -30.91 -4.09
N GLY D 274 -22.51 -29.77 -3.66
CA GLY D 274 -23.70 -29.72 -2.82
C GLY D 274 -23.37 -29.51 -1.36
N ILE D 275 -22.11 -29.67 -1.00
CA ILE D 275 -21.63 -29.44 0.35
C ILE D 275 -20.69 -28.23 0.36
N TYR D 276 -20.92 -27.30 1.30
CA TYR D 276 -20.14 -26.08 1.38
C TYR D 276 -19.51 -25.91 2.75
N ALA D 277 -18.58 -24.97 2.85
CA ALA D 277 -17.90 -24.69 4.12
C ALA D 277 -17.62 -23.20 4.27
N ALA D 278 -17.78 -22.70 5.50
CA ALA D 278 -17.64 -21.27 5.78
C ALA D 278 -17.07 -21.04 7.18
N GLY D 279 -16.22 -20.03 7.32
CA GLY D 279 -15.63 -19.69 8.60
C GLY D 279 -14.25 -20.28 8.82
N ASP D 280 -13.88 -20.46 10.09
CA ASP D 280 -12.54 -20.87 10.45
C ASP D 280 -12.22 -22.30 10.01
N CYS D 281 -13.26 -23.09 9.77
CA CYS D 281 -13.06 -24.49 9.37
C CYS D 281 -12.60 -24.59 7.92
N ARG D 282 -12.61 -23.47 7.19
CA ARG D 282 -12.27 -23.50 5.77
C ARG D 282 -10.81 -23.08 5.54
N ASP D 283 -10.24 -23.55 4.44
CA ASP D 283 -8.84 -23.30 4.08
C ASP D 283 -8.61 -21.92 3.46
N THR D 284 -8.06 -21.02 4.25
CA THR D 284 -7.85 -19.64 3.83
C THR D 284 -6.38 -19.27 3.95
N PRO D 285 -5.92 -18.40 3.05
CA PRO D 285 -4.50 -18.06 3.00
C PRO D 285 -4.08 -17.38 4.28
N ILE D 286 -2.82 -17.49 4.69
CA ILE D 286 -2.39 -16.99 5.99
C ILE D 286 -2.67 -15.52 6.29
N TRP D 287 -2.45 -14.64 5.32
CA TRP D 287 -2.66 -13.21 5.54
C TRP D 287 -4.10 -12.83 5.80
N GLN D 288 -5.03 -13.45 5.09
CA GLN D 288 -6.43 -13.12 5.25
C GLN D 288 -6.94 -13.46 6.65
N LEU D 289 -7.63 -12.51 7.26
CA LEU D 289 -8.24 -12.68 8.56
C LEU D 289 -9.53 -13.43 8.33
N VAL D 290 -10.09 -14.04 9.36
CA VAL D 290 -11.32 -14.80 9.18
C VAL D 290 -12.43 -13.86 8.71
N THR D 291 -13.17 -14.32 7.71
CA THR D 291 -14.29 -13.56 7.16
C THR D 291 -15.49 -14.48 7.13
N ALA D 292 -16.01 -14.78 8.31
CA ALA D 292 -17.15 -15.68 8.46
C ALA D 292 -18.44 -15.18 7.85
N VAL D 293 -18.74 -13.90 8.02
CA VAL D 293 -19.99 -13.36 7.49
C VAL D 293 -20.03 -13.41 5.97
N ARG D 294 -18.94 -13.06 5.31
CA ARG D 294 -18.91 -13.08 3.85
C ARG D 294 -19.05 -14.52 3.36
N ASP D 295 -18.31 -15.42 4.00
CA ASP D 295 -18.37 -16.84 3.67
C ASP D 295 -19.78 -17.38 3.84
N GLY D 296 -20.44 -16.97 4.92
CA GLY D 296 -21.79 -17.41 5.21
C GLY D 296 -22.79 -16.95 4.17
N ALA D 297 -22.69 -15.69 3.78
CA ALA D 297 -23.57 -15.13 2.76
C ALA D 297 -23.39 -15.87 1.44
N ILE D 298 -22.13 -16.03 1.02
CA ILE D 298 -21.81 -16.70 -0.23
C ILE D 298 -22.22 -18.18 -0.20
N ALA D 299 -21.97 -18.83 0.93
CA ALA D 299 -22.29 -20.25 1.07
C ALA D 299 -23.79 -20.49 0.90
N ALA D 300 -24.58 -19.59 1.47
CA ALA D 300 -26.03 -19.70 1.39
C ALA D 300 -26.48 -19.47 -0.05
N THR D 301 -25.79 -18.57 -0.74
CA THR D 301 -26.15 -18.21 -2.10
C THR D 301 -25.68 -19.27 -3.08
N ALA D 302 -24.53 -19.89 -2.78
CA ALA D 302 -24.02 -20.98 -3.59
C ALA D 302 -24.93 -22.20 -3.43
N ALA D 303 -25.38 -22.43 -2.21
CA ALA D 303 -26.28 -23.54 -1.90
C ALA D 303 -27.66 -23.31 -2.54
N TYR D 304 -28.14 -22.07 -2.47
CA TYR D 304 -29.43 -21.73 -3.06
C TYR D 304 -29.48 -22.07 -4.55
N GLU D 305 -28.43 -21.68 -5.28
CA GLU D 305 -28.34 -21.97 -6.71
C GLU D 305 -28.38 -23.47 -6.95
N TYR D 306 -27.74 -24.22 -6.06
CA TYR D 306 -27.65 -25.68 -6.19
C TYR D 306 -29.03 -26.33 -5.97
N ILE D 307 -29.79 -25.83 -5.00
CA ILE D 307 -31.11 -26.38 -4.70
C ILE D 307 -32.06 -26.16 -5.86
N GLU D 308 -32.11 -24.93 -6.36
CA GLU D 308 -32.99 -24.57 -7.46
C GLU D 308 -32.59 -25.33 -8.72
N LYS D 309 -31.32 -25.74 -8.78
CA LYS D 309 -30.79 -26.55 -9.87
C LYS D 309 -30.64 -25.71 -11.14
#